data_5AH4
#
_entry.id   5AH4
#
_cell.length_a   151.888
_cell.length_b   96.124
_cell.length_c   92.272
_cell.angle_alpha   90.00
_cell.angle_beta   124.41
_cell.angle_gamma   90.00
#
_symmetry.space_group_name_H-M   'C 1 2 1'
#
loop_
_entity.id
_entity.type
_entity.pdbx_description
1 polymer 'DNA POLYMERASE III SUBUNIT BETA'
2 polymer 'CYCLOHEXYL GRISELIMYCIN'
3 non-polymer 'SODIUM ION'
4 water water
#
loop_
_entity_poly.entity_id
_entity_poly.type
_entity_poly.pdbx_seq_one_letter_code
_entity_poly.pdbx_strand_id
1 'polypeptide(L)'
;GGGRMATTTAGLTDLKFRVVREDFADAVAWVARSLPTRPTIPVLAGVLLTGTDEGLTISGFDYEVSAEVKVSAEIASAGS
VLVSGRLLSDITKALPAKPVEVSVEGTRVSLTCGSARFSLPTLAVEDYPALPALPEETGVIASDLFAEAIGQVAVAAGRD
DTLPMLTGIRVEISGESVVLAATDRFRLAVRELTWVTTAGDVEAAVLVPAKTLAEAAKAGTDGNQVHLALGSGASVGKDG
LLGIRSEGKRSTTRLLDAEFPKFRQLLPAEHTAVATIGVAELTEAIKRVALVADRGAQIRMEFSDDTLKLSAGADDVGRA
EEDLPVDFAGEPLTIAFNPTYLTDGLGSLHSERVTFGFTTPSRPAVLRPAGEDDGANGGSGPFPAAKTDYVYLLMPVRLP
G
;
A,B
2 'polypeptide(L)' (ACE)(MVA)(MP8)(NZC)L(MP8)L(MVA)(PH6)(MLU)G C,D
#
# COMPACT_ATOMS: atom_id res chain seq x y z
N THR A 13 37.62 -1.87 22.44
CA THR A 13 37.74 -3.32 22.34
C THR A 13 37.45 -3.82 20.92
N ASP A 14 38.35 -4.62 20.37
CA ASP A 14 38.23 -5.13 19.01
C ASP A 14 37.90 -6.63 18.96
N LEU A 15 36.80 -6.96 18.28
CA LEU A 15 36.35 -8.34 18.07
C LEU A 15 37.40 -9.24 17.41
N LYS A 16 37.55 -10.46 17.94
CA LYS A 16 38.44 -11.47 17.34
C LYS A 16 38.02 -12.87 17.76
N PHE A 17 37.70 -13.71 16.78
CA PHE A 17 37.23 -15.06 17.08
C PHE A 17 37.61 -16.09 16.03
N ARG A 18 37.75 -17.34 16.47
CA ARG A 18 37.81 -18.47 15.57
C ARG A 18 36.44 -19.12 15.56
N VAL A 19 36.00 -19.58 14.39
CA VAL A 19 34.69 -20.22 14.27
C VAL A 19 34.78 -21.35 13.25
N VAL A 20 34.01 -22.41 13.46
CA VAL A 20 33.88 -23.46 12.46
C VAL A 20 33.26 -22.85 11.20
N ARG A 21 33.84 -23.14 10.04
CA ARG A 21 33.44 -22.48 8.80
C ARG A 21 32.02 -22.87 8.35
N GLU A 22 31.65 -24.14 8.49
CA GLU A 22 30.30 -24.56 8.12
C GLU A 22 29.25 -23.82 8.96
N ASP A 23 29.44 -23.84 10.28
CA ASP A 23 28.51 -23.18 11.20
C ASP A 23 28.38 -21.70 10.90
N PHE A 24 29.50 -21.08 10.57
CA PHE A 24 29.55 -19.66 10.33
C PHE A 24 28.86 -19.31 9.02
N ALA A 25 29.16 -20.06 7.96
CA ALA A 25 28.59 -19.79 6.63
C ALA A 25 27.11 -20.07 6.63
N ASP A 26 26.70 -21.10 7.36
CA ASP A 26 25.27 -21.44 7.49
C ASP A 26 24.51 -20.29 8.17
N ALA A 27 25.06 -19.79 9.27
CA ALA A 27 24.43 -18.70 10.00
C ALA A 27 24.31 -17.44 9.14
N VAL A 28 25.39 -17.06 8.48
CA VAL A 28 25.42 -15.88 7.63
C VAL A 28 24.38 -16.02 6.52
N ALA A 29 24.39 -17.16 5.82
CA ALA A 29 23.41 -17.40 4.76
C ALA A 29 21.96 -17.31 5.24
N TRP A 30 21.70 -17.70 6.49
CA TRP A 30 20.34 -17.61 7.03
C TRP A 30 19.97 -16.15 7.31
N VAL A 31 20.89 -15.42 7.93
CA VAL A 31 20.66 -14.01 8.20
C VAL A 31 20.59 -13.19 6.91
N ALA A 32 21.48 -13.48 5.98
CA ALA A 32 21.54 -12.71 4.73
C ALA A 32 20.32 -12.98 3.85
N ARG A 33 19.65 -14.10 4.09
CA ARG A 33 18.41 -14.42 3.38
C ARG A 33 17.32 -13.39 3.68
N SER A 34 17.35 -12.82 4.89
CA SER A 34 16.37 -11.81 5.29
C SER A 34 17.01 -10.42 5.30
N LEU A 35 17.57 -10.02 4.16
CA LEU A 35 18.36 -8.79 4.08
C LEU A 35 17.80 -7.82 3.04
N PRO A 36 17.76 -6.51 3.38
CA PRO A 36 17.19 -5.49 2.50
C PRO A 36 17.99 -5.31 1.22
N THR A 37 17.33 -4.86 0.16
CA THR A 37 17.95 -4.72 -1.15
C THR A 37 18.93 -3.52 -1.21
N ARG A 38 18.53 -2.39 -0.62
CA ARG A 38 19.41 -1.22 -0.56
C ARG A 38 18.91 -0.21 0.48
N VAL A 43 23.33 0.83 4.46
CA VAL A 43 23.76 0.70 5.85
C VAL A 43 23.11 -0.52 6.49
N LEU A 44 21.85 -0.77 6.15
CA LEU A 44 21.15 -1.97 6.58
C LEU A 44 21.64 -3.13 5.74
N ALA A 45 22.54 -2.82 4.81
CA ALA A 45 23.16 -3.81 3.95
C ALA A 45 23.97 -4.79 4.79
N GLY A 46 24.59 -4.27 5.84
CA GLY A 46 25.49 -5.07 6.63
C GLY A 46 24.82 -6.06 7.56
N VAL A 47 25.57 -7.10 7.95
CA VAL A 47 25.13 -7.97 9.03
C VAL A 47 26.06 -7.74 10.21
N LEU A 48 25.54 -7.98 11.39
CA LEU A 48 26.18 -7.63 12.64
C LEU A 48 26.75 -8.86 13.33
N LEU A 49 28.07 -8.89 13.49
CA LEU A 49 28.74 -9.98 14.20
C LEU A 49 29.03 -9.55 15.63
N THR A 50 28.66 -10.37 16.61
CA THR A 50 28.85 -10.00 18.01
C THR A 50 29.36 -11.17 18.88
N GLY A 51 30.56 -11.01 19.42
CA GLY A 51 31.16 -12.01 20.28
C GLY A 51 30.85 -11.76 21.74
N THR A 52 30.26 -12.77 22.39
CA THR A 52 29.79 -12.65 23.77
C THR A 52 30.43 -13.68 24.72
N ASP A 53 29.72 -14.01 25.79
CA ASP A 53 30.14 -15.05 26.73
C ASP A 53 29.85 -16.44 26.21
N GLU A 54 28.63 -16.63 25.73
CA GLU A 54 28.18 -17.92 25.25
C GLU A 54 28.79 -18.27 23.90
N GLY A 55 28.96 -17.26 23.05
CA GLY A 55 29.55 -17.47 21.74
C GLY A 55 29.38 -16.29 20.81
N LEU A 56 29.08 -16.57 19.55
CA LEU A 56 28.99 -15.53 18.53
C LEU A 56 27.54 -15.32 18.07
N THR A 57 27.09 -14.07 18.13
CA THR A 57 25.76 -13.72 17.64
C THR A 57 25.85 -13.00 16.30
N ILE A 58 25.06 -13.48 15.34
CA ILE A 58 25.03 -12.95 13.99
C ILE A 58 23.64 -12.49 13.63
N SER A 59 23.50 -11.24 13.20
CA SER A 59 22.16 -10.73 12.98
C SER A 59 22.03 -9.70 11.86
N GLY A 60 20.78 -9.48 11.46
CA GLY A 60 20.43 -8.52 10.43
C GLY A 60 19.03 -7.98 10.67
N PHE A 61 18.75 -6.82 10.09
CA PHE A 61 17.52 -6.08 10.37
C PHE A 61 17.29 -5.06 9.28
N ASP A 62 16.03 -4.78 8.95
CA ASP A 62 15.77 -3.72 7.97
C ASP A 62 14.52 -2.92 8.31
N TYR A 63 14.19 -2.91 9.61
CA TYR A 63 13.01 -2.28 10.19
C TYR A 63 11.74 -3.13 10.00
N GLU A 64 11.78 -4.06 9.06
CA GLU A 64 10.61 -4.91 8.78
C GLU A 64 10.81 -6.31 9.36
N VAL A 65 11.94 -6.89 9.01
CA VAL A 65 12.28 -8.23 9.42
C VAL A 65 13.59 -8.22 10.19
N SER A 66 13.65 -8.94 11.30
CA SER A 66 14.91 -9.10 12.02
C SER A 66 15.26 -10.58 12.03
N ALA A 67 16.54 -10.90 12.07
CA ALA A 67 16.98 -12.28 12.12
C ALA A 67 18.29 -12.37 12.88
N GLU A 68 18.31 -13.21 13.90
CA GLU A 68 19.49 -13.35 14.76
C GLU A 68 19.77 -14.82 15.04
N VAL A 69 21.03 -15.23 14.86
CA VAL A 69 21.41 -16.61 15.12
C VAL A 69 22.66 -16.66 15.99
N LYS A 70 22.64 -17.57 16.96
CA LYS A 70 23.78 -17.80 17.83
C LYS A 70 24.50 -19.07 17.40
N VAL A 71 25.83 -18.98 17.33
CA VAL A 71 26.67 -20.10 16.94
C VAL A 71 27.83 -20.26 17.91
N SER A 72 28.29 -21.49 18.09
CA SER A 72 29.45 -21.72 18.94
C SER A 72 30.68 -21.13 18.26
N ALA A 73 31.56 -20.57 19.07
CA ALA A 73 32.76 -19.91 18.57
C ALA A 73 33.72 -19.60 19.70
N GLU A 74 34.97 -20.00 19.54
CA GLU A 74 36.04 -19.65 20.47
C GLU A 74 36.30 -18.15 20.41
N ILE A 75 35.59 -17.39 21.23
CA ILE A 75 35.78 -15.95 21.27
C ILE A 75 37.12 -15.66 21.94
N ALA A 76 37.96 -14.88 21.27
CA ALA A 76 39.30 -14.57 21.79
C ALA A 76 39.38 -13.12 22.24
N SER A 77 38.33 -12.38 21.95
CA SER A 77 38.23 -10.96 22.30
C SER A 77 36.82 -10.48 21.97
N ALA A 78 36.16 -9.91 22.98
CA ALA A 78 34.78 -9.45 22.83
C ALA A 78 34.71 -8.20 21.96
N GLY A 79 33.54 -7.95 21.39
CA GLY A 79 33.33 -6.81 20.51
C GLY A 79 32.23 -7.12 19.51
N SER A 80 31.95 -6.16 18.63
CA SER A 80 31.02 -6.38 17.55
C SER A 80 31.38 -5.50 16.34
N VAL A 81 30.88 -5.86 15.16
CA VAL A 81 31.24 -5.12 13.95
C VAL A 81 30.18 -5.31 12.87
N LEU A 82 29.95 -4.25 12.10
CA LEU A 82 28.98 -4.26 11.02
C LEU A 82 29.71 -4.44 9.69
N VAL A 83 29.46 -5.54 9.00
CA VAL A 83 30.16 -5.79 7.75
C VAL A 83 29.17 -6.07 6.64
N SER A 84 29.57 -5.78 5.40
CA SER A 84 28.70 -5.91 4.25
C SER A 84 28.08 -7.31 4.11
N GLY A 85 26.75 -7.35 4.06
CA GLY A 85 26.02 -8.60 4.12
C GLY A 85 26.24 -9.55 2.95
N ARG A 86 25.99 -9.06 1.75
CA ARG A 86 26.09 -9.92 0.57
C ARG A 86 27.54 -10.38 0.38
N LEU A 87 28.48 -9.46 0.58
CA LEU A 87 29.88 -9.78 0.48
C LEU A 87 30.31 -10.83 1.52
N LEU A 88 29.93 -10.60 2.78
CA LEU A 88 30.31 -11.55 3.83
C LEU A 88 29.74 -12.92 3.53
N SER A 89 28.50 -12.95 3.03
CA SER A 89 27.90 -14.23 2.64
C SER A 89 28.63 -14.92 1.49
N ASP A 90 28.90 -14.20 0.40
CA ASP A 90 29.65 -14.78 -0.73
C ASP A 90 31.01 -15.32 -0.30
N ILE A 91 31.74 -14.53 0.48
CA ILE A 91 33.05 -14.94 0.94
C ILE A 91 32.92 -16.20 1.80
N THR A 92 31.98 -16.21 2.74
CA THR A 92 31.89 -17.35 3.65
C THR A 92 31.51 -18.62 2.90
N LYS A 93 30.65 -18.50 1.89
CA LYS A 93 30.33 -19.64 1.03
C LYS A 93 31.56 -20.23 0.34
N ALA A 94 32.53 -19.39 0.00
CA ALA A 94 33.64 -19.81 -0.86
C ALA A 94 34.84 -20.34 -0.08
N LEU A 95 34.80 -20.23 1.24
CA LEU A 95 35.95 -20.60 2.06
C LEU A 95 36.22 -22.10 2.00
N PRO A 96 37.51 -22.49 2.13
CA PRO A 96 37.91 -23.91 2.15
C PRO A 96 37.48 -24.60 3.45
N ALA A 97 37.69 -25.92 3.52
CA ALA A 97 37.25 -26.72 4.66
C ALA A 97 38.25 -26.64 5.81
N LYS A 98 38.52 -25.42 6.26
CA LYS A 98 39.43 -25.14 7.35
C LYS A 98 38.77 -24.11 8.24
N PRO A 99 39.19 -24.00 9.51
CA PRO A 99 38.52 -23.06 10.41
C PRO A 99 38.76 -21.59 10.03
N VAL A 100 37.82 -20.74 10.42
CA VAL A 100 37.83 -19.34 10.05
C VAL A 100 38.20 -18.42 11.20
N GLU A 101 39.32 -17.71 11.08
CA GLU A 101 39.67 -16.72 12.08
C GLU A 101 39.27 -15.31 11.61
N VAL A 102 38.52 -14.61 12.45
CA VAL A 102 38.11 -13.25 12.17
C VAL A 102 38.71 -12.32 13.21
N SER A 103 39.21 -11.17 12.78
CA SER A 103 39.87 -10.21 13.67
C SER A 103 39.62 -8.77 13.21
N VAL A 104 39.21 -7.89 14.12
CA VAL A 104 38.90 -6.49 13.78
C VAL A 104 40.03 -5.50 14.10
N GLU A 105 40.44 -4.73 13.08
CA GLU A 105 41.46 -3.69 13.23
C GLU A 105 41.05 -2.39 12.51
N GLY A 106 40.97 -1.29 13.26
CA GLY A 106 40.59 -0.01 12.69
C GLY A 106 39.24 -0.01 12.00
N THR A 107 39.24 0.26 10.70
CA THR A 107 38.02 0.23 9.90
C THR A 107 38.02 -0.97 8.98
N ARG A 108 38.94 -1.90 9.23
CA ARG A 108 39.06 -3.11 8.43
C ARG A 108 38.73 -4.32 9.29
N VAL A 109 38.08 -5.32 8.68
CA VAL A 109 37.91 -6.60 9.33
C VAL A 109 38.68 -7.63 8.52
N SER A 110 39.52 -8.40 9.20
CA SER A 110 40.30 -9.42 8.53
C SER A 110 39.66 -10.77 8.70
N LEU A 111 39.73 -11.58 7.65
CA LEU A 111 39.16 -12.91 7.68
C LEU A 111 40.15 -13.85 7.01
N THR A 112 40.69 -14.79 7.79
CA THR A 112 41.62 -15.77 7.23
C THR A 112 41.07 -17.16 7.44
N CYS A 113 41.31 -18.03 6.48
CA CYS A 113 40.84 -19.40 6.57
C CYS A 113 41.74 -20.25 5.70
N GLY A 114 42.77 -20.81 6.31
CA GLY A 114 43.78 -21.54 5.57
C GLY A 114 44.66 -20.58 4.79
N SER A 115 44.81 -20.83 3.50
CA SER A 115 45.67 -20.00 2.66
C SER A 115 45.06 -18.65 2.28
N ALA A 116 43.73 -18.54 2.27
CA ALA A 116 43.08 -17.31 1.83
C ALA A 116 43.02 -16.25 2.92
N ARG A 117 43.09 -14.99 2.51
CA ARG A 117 43.05 -13.84 3.42
C ARG A 117 42.17 -12.70 2.86
N PHE A 118 41.21 -12.25 3.65
CA PHE A 118 40.31 -11.18 3.24
C PHE A 118 40.39 -9.98 4.17
N SER A 119 40.27 -8.78 3.61
CA SER A 119 40.23 -7.56 4.41
C SER A 119 39.08 -6.65 3.94
N LEU A 120 37.98 -6.65 4.69
CA LEU A 120 36.81 -5.87 4.32
C LEU A 120 36.72 -4.58 5.11
N PRO A 121 36.14 -3.53 4.51
CA PRO A 121 35.93 -2.30 5.29
C PRO A 121 34.77 -2.48 6.25
N THR A 122 34.83 -1.88 7.43
CA THR A 122 33.71 -1.96 8.35
C THR A 122 32.71 -0.86 8.04
N LEU A 123 31.44 -1.09 8.37
CA LEU A 123 30.39 -0.12 8.17
C LEU A 123 30.09 0.59 9.48
N ALA A 124 29.45 1.76 9.37
CA ALA A 124 29.20 2.62 10.53
C ALA A 124 28.13 2.04 11.46
N VAL A 125 28.59 1.40 12.53
CA VAL A 125 27.71 0.75 13.48
C VAL A 125 26.84 1.77 14.23
N GLU A 126 27.26 3.02 14.21
CA GLU A 126 26.60 4.10 14.95
C GLU A 126 25.13 4.27 14.57
N ASP A 127 24.82 4.09 13.29
CA ASP A 127 23.48 4.33 12.80
C ASP A 127 22.65 3.05 12.74
N TYR A 128 23.25 1.93 13.14
CA TYR A 128 22.59 0.63 13.01
C TYR A 128 21.58 0.37 14.13
N PRO A 129 20.30 0.26 13.76
CA PRO A 129 19.20 -0.02 14.69
C PRO A 129 19.36 -1.33 15.44
N ALA A 130 19.02 -1.33 16.72
CA ALA A 130 19.01 -2.56 17.52
C ALA A 130 17.84 -3.43 17.10
N LEU A 131 18.01 -4.73 17.27
CA LEU A 131 16.94 -5.66 16.95
C LEU A 131 15.80 -5.49 17.95
N PRO A 132 14.54 -5.53 17.46
CA PRO A 132 13.40 -5.44 18.36
C PRO A 132 13.30 -6.68 19.23
N ALA A 133 12.77 -6.52 20.43
CA ALA A 133 12.51 -7.67 21.27
C ALA A 133 11.33 -8.48 20.72
N LEU A 134 11.48 -9.79 20.72
CA LEU A 134 10.37 -10.69 20.38
C LEU A 134 9.28 -10.60 21.44
N PRO A 135 8.02 -10.58 20.99
CA PRO A 135 6.85 -10.65 21.87
C PRO A 135 6.87 -11.89 22.77
N GLU A 136 6.00 -11.93 23.78
CA GLU A 136 5.88 -13.11 24.62
C GLU A 136 5.38 -14.29 23.77
N GLU A 137 5.83 -15.49 24.12
CA GLU A 137 5.50 -16.69 23.36
C GLU A 137 4.00 -17.03 23.46
N THR A 138 3.40 -17.39 22.34
CA THR A 138 1.98 -17.68 22.31
C THR A 138 1.70 -19.17 22.17
N GLY A 139 2.38 -19.82 21.24
CA GLY A 139 2.23 -21.25 21.04
C GLY A 139 3.43 -21.90 20.38
N VAL A 140 3.38 -23.23 20.27
CA VAL A 140 4.43 -24.02 19.65
C VAL A 140 3.85 -25.03 18.67
N ILE A 141 4.47 -25.14 17.51
CA ILE A 141 4.01 -26.07 16.49
C ILE A 141 5.23 -26.81 15.93
N ALA A 142 5.01 -28.03 15.45
CA ALA A 142 6.07 -28.83 14.84
C ALA A 142 6.52 -28.19 13.53
N SER A 143 7.83 -28.22 13.28
CA SER A 143 8.42 -27.55 12.13
C SER A 143 7.85 -28.01 10.78
N ASP A 144 7.77 -29.32 10.57
CA ASP A 144 7.32 -29.87 9.30
C ASP A 144 5.85 -29.54 9.03
N LEU A 145 5.03 -29.49 10.09
CA LEU A 145 3.63 -29.10 9.99
C LEU A 145 3.52 -27.63 9.62
N PHE A 146 4.25 -26.80 10.34
CA PHE A 146 4.31 -25.36 10.09
C PHE A 146 4.73 -25.07 8.64
N ALA A 147 5.78 -25.73 8.18
CA ALA A 147 6.26 -25.54 6.80
C ALA A 147 5.21 -25.98 5.77
N GLU A 148 4.51 -27.07 6.05
CA GLU A 148 3.52 -27.54 5.10
C GLU A 148 2.33 -26.59 5.01
N ALA A 149 1.81 -26.17 6.16
CA ALA A 149 0.59 -25.39 6.19
C ALA A 149 0.78 -23.97 5.64
N ILE A 150 1.92 -23.35 5.94
CA ILE A 150 2.25 -22.05 5.36
C ILE A 150 2.43 -22.17 3.85
N GLY A 151 3.15 -23.21 3.45
CA GLY A 151 3.43 -23.43 2.04
C GLY A 151 2.13 -23.60 1.27
N GLN A 152 1.21 -24.33 1.90
CA GLN A 152 -0.11 -24.60 1.33
C GLN A 152 -0.96 -23.37 1.11
N VAL A 153 -0.95 -22.42 2.04
CA VAL A 153 -1.82 -21.26 1.90
C VAL A 153 -1.13 -20.11 1.18
N ALA A 154 0.21 -20.04 1.27
CA ALA A 154 0.95 -18.93 0.69
C ALA A 154 0.75 -18.85 -0.81
N VAL A 155 0.39 -19.97 -1.42
CA VAL A 155 0.25 -20.03 -2.86
C VAL A 155 -0.93 -19.19 -3.31
N ALA A 156 -1.87 -18.94 -2.41
CA ALA A 156 -3.06 -18.13 -2.74
C ALA A 156 -2.92 -16.63 -2.39
N ALA A 157 -1.84 -16.24 -1.73
CA ALA A 157 -1.72 -14.85 -1.28
C ALA A 157 -1.60 -13.92 -2.45
N GLY A 158 -2.15 -12.71 -2.32
CA GLY A 158 -1.86 -11.64 -3.27
C GLY A 158 -0.39 -11.25 -3.28
N ARG A 159 0.08 -10.75 -4.41
CA ARG A 159 1.48 -10.35 -4.51
C ARG A 159 1.61 -8.89 -4.95
N ASP A 160 0.51 -8.15 -4.88
CA ASP A 160 0.44 -6.79 -5.39
C ASP A 160 0.16 -5.77 -4.28
N ASP A 161 1.13 -4.89 -4.07
CA ASP A 161 1.12 -3.98 -2.92
C ASP A 161 0.05 -2.90 -2.96
N THR A 162 -0.60 -2.71 -4.10
CA THR A 162 -1.71 -1.76 -4.15
C THR A 162 -2.92 -2.28 -3.33
N LEU A 163 -2.96 -3.60 -3.12
CA LEU A 163 -3.94 -4.25 -2.26
C LEU A 163 -3.25 -4.97 -1.11
N PRO A 164 -2.72 -4.20 -0.15
CA PRO A 164 -1.91 -4.73 0.95
C PRO A 164 -2.62 -5.81 1.77
N MET A 165 -3.93 -5.68 1.98
CA MET A 165 -4.65 -6.65 2.79
C MET A 165 -4.60 -8.04 2.16
N LEU A 166 -4.36 -8.10 0.86
CA LEU A 166 -4.31 -9.40 0.19
C LEU A 166 -2.92 -10.00 0.18
N THR A 167 -1.91 -9.26 0.65
CA THR A 167 -0.52 -9.74 0.61
C THR A 167 -0.11 -10.45 1.89
N GLY A 168 -1.07 -10.63 2.80
CA GLY A 168 -0.80 -11.30 4.06
C GLY A 168 -1.35 -12.73 4.14
N ILE A 169 -0.86 -13.46 5.14
CA ILE A 169 -1.50 -14.70 5.56
C ILE A 169 -2.25 -14.39 6.84
N ARG A 170 -3.56 -14.63 6.84
CA ARG A 170 -4.35 -14.44 8.05
C ARG A 170 -4.12 -15.58 9.03
N VAL A 171 -3.82 -15.20 10.27
CA VAL A 171 -3.57 -16.18 11.33
C VAL A 171 -4.59 -15.98 12.44
N GLU A 172 -5.64 -16.82 12.45
CA GLU A 172 -6.65 -16.75 13.50
C GLU A 172 -6.41 -17.84 14.54
N ILE A 173 -6.24 -17.41 15.79
CA ILE A 173 -6.02 -18.33 16.89
C ILE A 173 -7.23 -18.39 17.82
N SER A 174 -7.66 -19.60 18.13
CA SER A 174 -8.70 -19.81 19.12
C SER A 174 -8.34 -21.00 20.02
N GLY A 175 -7.76 -20.73 21.18
CA GLY A 175 -7.22 -21.80 22.00
C GLY A 175 -6.13 -22.56 21.28
N GLU A 176 -6.33 -23.88 21.12
CA GLU A 176 -5.32 -24.73 20.49
C GLU A 176 -5.55 -24.82 18.99
N SER A 177 -6.56 -24.11 18.50
CA SER A 177 -6.91 -24.16 17.08
C SER A 177 -6.37 -22.96 16.31
N VAL A 178 -5.63 -23.24 15.23
CA VAL A 178 -5.07 -22.19 14.36
C VAL A 178 -5.63 -22.31 12.95
N VAL A 179 -6.23 -21.24 12.45
CA VAL A 179 -6.69 -21.17 11.06
C VAL A 179 -5.79 -20.23 10.25
N LEU A 180 -5.26 -20.73 9.14
CA LEU A 180 -4.47 -19.96 8.19
C LEU A 180 -5.26 -19.69 6.92
N ALA A 181 -5.30 -18.46 6.47
CA ALA A 181 -6.03 -18.15 5.25
C ALA A 181 -5.27 -17.12 4.40
N ALA A 182 -5.41 -17.24 3.08
CA ALA A 182 -4.85 -16.27 2.14
C ALA A 182 -5.67 -16.26 0.85
N THR A 183 -5.67 -15.11 0.19
CA THR A 183 -6.45 -14.94 -1.03
C THR A 183 -5.90 -13.80 -1.89
N ASP A 184 -6.10 -13.92 -3.19
CA ASP A 184 -5.70 -12.88 -4.13
C ASP A 184 -6.91 -12.46 -4.95
N ARG A 185 -8.11 -12.79 -4.44
CA ARG A 185 -9.41 -12.54 -5.05
C ARG A 185 -9.83 -13.60 -6.07
N PHE A 186 -8.89 -14.43 -6.51
CA PHE A 186 -9.19 -15.48 -7.49
C PHE A 186 -9.17 -16.92 -6.91
N ARG A 187 -8.32 -17.17 -5.93
CA ARG A 187 -8.35 -18.42 -5.16
C ARG A 187 -8.23 -18.07 -3.69
N LEU A 188 -8.74 -18.97 -2.86
CA LEU A 188 -8.74 -18.78 -1.42
C LEU A 188 -8.29 -20.08 -0.78
N ALA A 189 -7.25 -20.00 0.04
CA ALA A 189 -6.70 -21.19 0.66
C ALA A 189 -6.86 -21.10 2.18
N VAL A 190 -7.43 -22.15 2.77
CA VAL A 190 -7.64 -22.18 4.21
C VAL A 190 -7.17 -23.49 4.80
N ARG A 191 -6.30 -23.39 5.79
CA ARG A 191 -5.70 -24.53 6.42
C ARG A 191 -5.93 -24.45 7.92
N GLU A 192 -6.64 -25.43 8.49
CA GLU A 192 -6.83 -25.52 9.93
C GLU A 192 -5.76 -26.42 10.51
N LEU A 193 -5.27 -26.10 11.70
CA LEU A 193 -4.39 -27.03 12.41
C LEU A 193 -4.42 -26.79 13.91
N THR A 194 -3.79 -27.71 14.65
CA THR A 194 -3.79 -27.60 16.09
C THR A 194 -2.36 -27.51 16.61
N TRP A 195 -2.15 -26.66 17.60
CA TRP A 195 -0.85 -26.49 18.21
C TRP A 195 -0.95 -26.60 19.73
N VAL A 196 0.17 -26.37 20.40
CA VAL A 196 0.21 -26.30 21.85
C VAL A 196 0.33 -24.85 22.30
N THR A 197 -0.63 -24.38 23.09
CA THR A 197 -0.57 -23.04 23.68
C THR A 197 0.36 -23.03 24.88
N THR A 198 1.21 -22.01 24.96
CA THR A 198 2.18 -21.92 26.06
C THR A 198 1.74 -20.98 27.18
N ALA A 199 0.78 -20.11 26.88
CA ALA A 199 0.31 -19.16 27.89
C ALA A 199 -1.21 -19.06 27.91
N GLY A 200 -1.88 -20.19 28.07
CA GLY A 200 -3.33 -20.24 28.18
C GLY A 200 -4.04 -19.91 26.88
N ASP A 201 -5.27 -20.40 26.74
CA ASP A 201 -6.02 -20.19 25.51
C ASP A 201 -6.19 -18.70 25.22
N VAL A 202 -6.02 -18.33 23.95
CA VAL A 202 -6.20 -16.96 23.51
C VAL A 202 -7.11 -16.91 22.28
N GLU A 203 -7.74 -15.76 22.05
CA GLU A 203 -8.65 -15.58 20.92
C GLU A 203 -8.32 -14.29 20.18
N ALA A 204 -7.60 -14.42 19.08
CA ALA A 204 -7.17 -13.24 18.33
C ALA A 204 -6.89 -13.59 16.88
N ALA A 205 -6.56 -12.56 16.10
CA ALA A 205 -6.28 -12.72 14.70
C ALA A 205 -5.33 -11.64 14.21
N VAL A 206 -4.29 -12.04 13.50
CA VAL A 206 -3.38 -11.10 12.89
C VAL A 206 -3.15 -11.46 11.43
N LEU A 207 -2.53 -10.52 10.74
CA LEU A 207 -2.28 -10.59 9.32
C LEU A 207 -0.79 -10.42 9.08
N VAL A 208 -0.13 -11.48 8.63
CA VAL A 208 1.33 -11.53 8.48
C VAL A 208 1.74 -11.52 7.00
N PRO A 209 2.70 -10.64 6.61
CA PRO A 209 3.17 -10.61 5.21
C PRO A 209 3.51 -12.00 4.68
N ALA A 210 2.79 -12.40 3.64
CA ALA A 210 2.88 -13.75 3.06
C ALA A 210 4.30 -14.18 2.68
N LYS A 211 4.97 -13.34 1.90
CA LYS A 211 6.27 -13.65 1.32
C LYS A 211 7.32 -13.93 2.38
N THR A 212 7.36 -13.05 3.37
CA THR A 212 8.23 -13.22 4.51
C THR A 212 7.99 -14.52 5.25
N LEU A 213 6.74 -14.74 5.65
CA LEU A 213 6.40 -15.91 6.43
C LEU A 213 6.68 -17.19 5.67
N ALA A 214 6.44 -17.17 4.36
CA ALA A 214 6.64 -18.37 3.54
C ALA A 214 8.13 -18.68 3.44
N GLU A 215 8.95 -17.64 3.40
CA GLU A 215 10.40 -17.81 3.44
C GLU A 215 10.88 -18.36 4.79
N ALA A 216 10.42 -17.77 5.88
CA ALA A 216 10.72 -18.30 7.21
C ALA A 216 10.35 -19.77 7.34
N ALA A 217 9.20 -20.14 6.80
CA ALA A 217 8.70 -21.50 6.95
C ALA A 217 9.45 -22.46 6.04
N LYS A 218 9.95 -21.95 4.92
CA LYS A 218 10.68 -22.80 3.98
C LYS A 218 12.08 -23.09 4.51
N ALA A 219 12.52 -22.31 5.49
CA ALA A 219 13.84 -22.55 6.10
C ALA A 219 13.75 -23.63 7.18
N GLY A 223 14.49 -28.38 12.09
CA GLY A 223 13.47 -29.41 12.15
C GLY A 223 13.04 -29.69 13.58
N ASN A 224 13.65 -28.99 14.51
CA ASN A 224 13.30 -29.11 15.92
C ASN A 224 11.83 -28.77 16.19
N GLN A 225 11.53 -27.49 16.35
CA GLN A 225 10.19 -27.05 16.71
C GLN A 225 10.06 -25.56 16.47
N VAL A 226 8.86 -25.08 16.20
CA VAL A 226 8.68 -23.67 15.94
C VAL A 226 7.81 -23.00 17.00
N HIS A 227 8.41 -22.06 17.73
CA HIS A 227 7.71 -21.29 18.74
C HIS A 227 7.27 -19.95 18.15
N LEU A 228 5.97 -19.72 18.08
CA LEU A 228 5.42 -18.47 17.55
C LEU A 228 5.11 -17.49 18.67
N ALA A 229 5.60 -16.26 18.54
CA ALA A 229 5.40 -15.25 19.59
C ALA A 229 4.60 -14.04 19.08
N LEU A 230 3.42 -13.84 19.69
CA LEU A 230 2.53 -12.74 19.36
C LEU A 230 2.04 -12.05 20.62
N GLY A 231 2.53 -12.51 21.78
CA GLY A 231 2.05 -12.05 23.07
C GLY A 231 1.01 -13.01 23.64
N SER A 232 0.58 -12.75 24.87
CA SER A 232 -0.43 -13.57 25.53
C SER A 232 -1.54 -12.68 26.08
N GLY A 233 -2.61 -13.31 26.56
CA GLY A 233 -3.73 -12.56 27.11
C GLY A 233 -4.38 -11.70 26.06
N ALA A 234 -4.74 -10.47 26.43
CA ALA A 234 -5.44 -9.57 25.52
C ALA A 234 -4.48 -8.67 24.75
N SER A 235 -3.18 -8.84 24.99
CA SER A 235 -2.15 -8.02 24.35
C SER A 235 -1.61 -8.67 23.07
N VAL A 236 -2.45 -9.46 22.40
CA VAL A 236 -2.01 -10.15 21.20
C VAL A 236 -1.98 -9.21 19.99
N GLY A 237 -0.84 -9.17 19.32
CA GLY A 237 -0.65 -8.30 18.17
C GLY A 237 -0.36 -6.86 18.53
N LYS A 238 -0.27 -6.55 19.83
CA LYS A 238 -0.13 -5.16 20.26
C LYS A 238 1.28 -4.61 19.99
N ASP A 239 2.27 -5.50 20.00
CA ASP A 239 3.62 -5.15 19.57
C ASP A 239 3.69 -4.94 18.05
N GLY A 240 2.68 -5.43 17.34
CA GLY A 240 2.63 -5.31 15.90
C GLY A 240 3.73 -6.14 15.26
N LEU A 241 4.14 -7.19 15.97
CA LEU A 241 5.25 -8.06 15.56
C LEU A 241 4.92 -9.56 15.66
N LEU A 242 5.31 -10.34 14.66
CA LEU A 242 5.33 -11.79 14.82
C LEU A 242 6.75 -12.27 15.13
N GLY A 243 6.93 -12.82 16.33
CA GLY A 243 8.19 -13.46 16.70
C GLY A 243 8.21 -14.94 16.36
N ILE A 244 9.32 -15.40 15.80
CA ILE A 244 9.52 -16.81 15.50
C ILE A 244 10.84 -17.29 16.05
N ARG A 245 10.80 -18.34 16.85
CA ARG A 245 11.99 -18.84 17.54
C ARG A 245 12.14 -20.36 17.40
N SER A 246 13.37 -20.79 17.11
CA SER A 246 13.73 -22.19 17.14
C SER A 246 15.09 -22.24 17.81
N GLU A 247 15.79 -23.38 17.78
CA GLU A 247 17.04 -23.47 18.52
C GLU A 247 18.11 -22.56 17.92
N GLY A 248 18.51 -21.56 18.69
CA GLY A 248 19.57 -20.66 18.28
C GLY A 248 19.14 -19.58 17.31
N LYS A 249 17.89 -19.64 16.85
CA LYS A 249 17.40 -18.71 15.84
C LYS A 249 16.22 -17.84 16.31
N ARG A 250 16.37 -16.52 16.17
CA ARG A 250 15.31 -15.57 16.52
C ARG A 250 15.01 -14.59 15.39
N SER A 251 13.74 -14.39 15.10
CA SER A 251 13.33 -13.49 14.02
C SER A 251 12.02 -12.77 14.31
N THR A 252 11.86 -11.56 13.76
CA THR A 252 10.61 -10.84 13.90
C THR A 252 10.12 -10.31 12.55
N THR A 253 8.81 -10.13 12.46
CA THR A 253 8.16 -9.62 11.25
C THR A 253 7.08 -8.62 11.63
N ARG A 254 7.10 -7.44 11.02
N ARG A 254 7.11 -7.44 11.00
CA ARG A 254 6.05 -6.46 11.27
CA ARG A 254 6.05 -6.45 11.19
C ARG A 254 4.74 -6.99 10.69
C ARG A 254 4.73 -7.00 10.68
N LEU A 255 3.69 -6.90 11.49
CA LEU A 255 2.36 -7.32 11.10
C LEU A 255 1.75 -6.32 10.13
N LEU A 256 0.80 -6.76 9.33
CA LEU A 256 -0.01 -5.84 8.53
C LEU A 256 -1.22 -5.42 9.32
N ASP A 257 -1.47 -4.11 9.42
CA ASP A 257 -2.69 -3.61 10.04
C ASP A 257 -3.80 -3.39 9.01
N ALA A 258 -3.72 -4.08 7.88
CA ALA A 258 -4.78 -4.02 6.88
C ALA A 258 -5.92 -4.98 7.25
N GLU A 259 -7.13 -4.66 6.79
CA GLU A 259 -8.32 -5.41 7.17
C GLU A 259 -8.60 -6.52 6.18
N PHE A 260 -8.53 -7.75 6.67
CA PHE A 260 -8.76 -8.91 5.82
C PHE A 260 -10.25 -9.09 5.56
N PRO A 261 -10.61 -9.46 4.32
CA PRO A 261 -12.04 -9.67 4.00
C PRO A 261 -12.61 -10.89 4.73
N LYS A 262 -13.92 -10.95 4.88
CA LYS A 262 -14.56 -12.09 5.51
C LYS A 262 -14.54 -13.24 4.50
N PHE A 263 -13.88 -14.34 4.83
CA PHE A 263 -13.70 -15.41 3.85
C PHE A 263 -14.58 -16.63 4.11
N ARG A 264 -14.92 -16.87 5.38
N ARG A 264 -14.91 -16.87 5.38
CA ARG A 264 -15.57 -18.12 5.74
CA ARG A 264 -15.59 -18.11 5.76
C ARG A 264 -16.93 -18.33 5.05
C ARG A 264 -16.89 -18.32 5.01
N GLN A 265 -17.67 -17.24 4.85
CA GLN A 265 -18.96 -17.32 4.19
C GLN A 265 -18.83 -17.74 2.72
N LEU A 266 -17.62 -17.75 2.18
CA LEU A 266 -17.41 -18.21 0.80
C LEU A 266 -17.39 -19.74 0.65
N LEU A 267 -17.14 -20.46 1.75
CA LEU A 267 -17.11 -21.93 1.68
C LEU A 267 -18.54 -22.44 1.59
N PRO A 268 -18.92 -23.03 0.44
CA PRO A 268 -20.23 -23.65 0.16
C PRO A 268 -20.60 -24.72 1.19
N ALA A 269 -21.87 -24.80 1.61
CA ALA A 269 -22.31 -25.85 2.52
C ALA A 269 -22.59 -27.13 1.74
N GLU A 270 -22.88 -26.99 0.47
CA GLU A 270 -23.21 -28.14 -0.35
C GLU A 270 -22.89 -27.88 -1.81
N HIS A 271 -22.81 -28.97 -2.56
CA HIS A 271 -22.48 -28.95 -3.99
C HIS A 271 -23.57 -29.65 -4.83
N THR A 272 -23.77 -29.20 -6.06
CA THR A 272 -24.71 -29.87 -6.96
C THR A 272 -24.02 -30.95 -7.78
N ALA A 273 -22.69 -30.94 -7.75
CA ALA A 273 -21.90 -32.02 -8.36
C ALA A 273 -20.53 -32.13 -7.71
N VAL A 274 -20.01 -33.36 -7.65
CA VAL A 274 -18.75 -33.67 -6.99
C VAL A 274 -17.92 -34.58 -7.91
N ALA A 275 -16.61 -34.36 -7.96
CA ALA A 275 -15.73 -35.20 -8.76
C ALA A 275 -14.49 -35.57 -7.97
N THR A 276 -14.06 -36.82 -8.10
CA THR A 276 -12.86 -37.28 -7.43
C THR A 276 -11.96 -37.93 -8.47
N ILE A 277 -10.68 -37.59 -8.41
CA ILE A 277 -9.73 -38.08 -9.40
C ILE A 277 -8.33 -37.97 -8.83
N GLY A 278 -7.40 -38.77 -9.37
CA GLY A 278 -6.01 -38.71 -8.98
C GLY A 278 -5.36 -37.36 -9.28
N VAL A 279 -4.60 -36.83 -8.31
CA VAL A 279 -3.96 -35.53 -8.47
C VAL A 279 -2.88 -35.55 -9.54
N ALA A 280 -2.01 -36.56 -9.52
CA ALA A 280 -0.89 -36.58 -10.45
C ALA A 280 -1.39 -36.73 -11.89
N GLU A 281 -2.31 -37.66 -12.11
CA GLU A 281 -2.93 -37.88 -13.41
C GLU A 281 -3.61 -36.63 -13.96
N LEU A 282 -4.37 -35.94 -13.12
CA LEU A 282 -5.02 -34.71 -13.55
C LEU A 282 -4.03 -33.57 -13.82
N THR A 283 -3.02 -33.45 -12.97
CA THR A 283 -2.06 -32.35 -13.10
C THR A 283 -1.29 -32.49 -14.42
N GLU A 284 -0.79 -33.69 -14.68
CA GLU A 284 -0.10 -33.95 -15.92
C GLU A 284 -0.99 -33.73 -17.16
N ALA A 285 -2.27 -34.11 -17.09
CA ALA A 285 -3.14 -33.93 -18.26
C ALA A 285 -3.42 -32.44 -18.49
N ILE A 286 -3.69 -31.72 -17.41
CA ILE A 286 -3.81 -30.25 -17.53
C ILE A 286 -2.59 -29.60 -18.17
N LYS A 287 -1.38 -29.99 -17.76
CA LYS A 287 -0.20 -29.26 -18.26
C LYS A 287 0.02 -29.59 -19.73
N ARG A 288 -0.47 -30.75 -20.13
CA ARG A 288 -0.36 -31.23 -21.51
C ARG A 288 -1.32 -30.45 -22.39
N VAL A 289 -2.58 -30.44 -21.96
CA VAL A 289 -3.62 -29.80 -22.75
C VAL A 289 -3.37 -28.30 -22.85
N ALA A 290 -2.94 -27.67 -21.76
CA ALA A 290 -2.81 -26.20 -21.75
C ALA A 290 -1.65 -25.68 -22.62
N LEU A 291 -0.89 -26.59 -23.19
CA LEU A 291 0.21 -26.22 -24.07
C LEU A 291 -0.23 -25.37 -25.27
N VAL A 292 -1.51 -25.44 -25.62
CA VAL A 292 -1.97 -24.74 -26.81
C VAL A 292 -2.89 -23.58 -26.44
N ALA A 293 -3.22 -23.45 -25.16
CA ALA A 293 -4.09 -22.39 -24.67
C ALA A 293 -3.50 -20.99 -24.90
N ASP A 294 -4.35 -20.08 -25.38
CA ASP A 294 -3.99 -18.68 -25.61
C ASP A 294 -3.63 -17.95 -24.30
N ARG A 295 -2.40 -17.43 -24.21
CA ARG A 295 -1.91 -16.74 -23.01
C ARG A 295 -2.04 -17.59 -21.74
N GLY A 296 -2.16 -18.91 -21.91
CA GLY A 296 -2.57 -19.77 -20.82
C GLY A 296 -3.77 -19.21 -20.07
N ALA A 297 -4.66 -18.52 -20.78
CA ALA A 297 -5.82 -17.94 -20.13
C ALA A 297 -6.77 -19.01 -19.54
N GLN A 298 -7.14 -20.06 -20.31
CA GLN A 298 -8.08 -21.04 -19.73
C GLN A 298 -8.06 -22.46 -20.26
N ILE A 299 -8.42 -23.39 -19.37
CA ILE A 299 -8.65 -24.77 -19.74
C ILE A 299 -10.09 -25.18 -19.37
N ARG A 300 -10.70 -25.93 -20.30
CA ARG A 300 -12.09 -26.32 -20.20
C ARG A 300 -12.21 -27.73 -19.63
N MET A 301 -13.09 -27.89 -18.64
CA MET A 301 -13.35 -29.17 -18.04
C MET A 301 -14.83 -29.59 -18.24
N GLU A 302 -15.04 -30.68 -18.97
CA GLU A 302 -16.38 -31.21 -19.21
C GLU A 302 -16.54 -32.53 -18.45
N PHE A 303 -17.37 -32.52 -17.41
CA PHE A 303 -17.70 -33.72 -16.65
C PHE A 303 -19.03 -34.29 -17.09
N SER A 304 -19.07 -35.58 -17.36
CA SER A 304 -20.33 -36.24 -17.64
C SER A 304 -20.12 -37.71 -17.50
N ASP A 305 -21.08 -38.37 -16.84
CA ASP A 305 -21.03 -39.81 -16.67
C ASP A 305 -19.77 -40.21 -15.93
N ASP A 306 -18.87 -40.92 -16.61
CA ASP A 306 -17.69 -41.44 -15.94
C ASP A 306 -16.38 -40.84 -16.50
N THR A 307 -16.50 -39.76 -17.27
CA THR A 307 -15.35 -39.21 -18.00
C THR A 307 -15.14 -37.72 -17.76
N LEU A 308 -13.87 -37.34 -17.64
CA LEU A 308 -13.50 -35.93 -17.65
C LEU A 308 -12.82 -35.59 -18.97
N LYS A 309 -13.37 -34.63 -19.69
CA LYS A 309 -12.72 -34.16 -20.92
C LYS A 309 -12.14 -32.74 -20.71
N LEU A 310 -10.81 -32.66 -20.76
CA LEU A 310 -10.13 -31.37 -20.73
C LEU A 310 -9.98 -30.88 -22.16
N SER A 311 -10.04 -29.56 -22.37
CA SER A 311 -9.76 -29.01 -23.69
C SER A 311 -9.28 -27.56 -23.62
N ALA A 312 -8.53 -27.17 -24.64
CA ALA A 312 -7.95 -25.84 -24.72
C ALA A 312 -7.59 -25.55 -26.15
N GLY A 313 -7.28 -24.28 -26.39
CA GLY A 313 -6.75 -23.82 -27.64
C GLY A 313 -7.78 -23.35 -28.62
N ALA A 314 -7.34 -22.69 -29.68
CA ALA A 314 -8.21 -22.44 -30.83
C ALA A 314 -7.48 -22.80 -32.13
N ASP A 315 -8.20 -22.75 -33.25
CA ASP A 315 -7.72 -23.30 -34.52
C ASP A 315 -6.66 -22.46 -35.23
N ASP A 316 -6.25 -21.36 -34.60
CA ASP A 316 -5.20 -20.53 -35.14
C ASP A 316 -3.82 -20.98 -34.65
N VAL A 317 -3.75 -21.41 -33.40
CA VAL A 317 -2.53 -21.97 -32.84
C VAL A 317 -2.64 -23.48 -32.73
N GLY A 318 -3.78 -23.96 -32.26
CA GLY A 318 -3.99 -25.38 -32.17
C GLY A 318 -4.90 -25.73 -31.03
N ARG A 319 -5.59 -26.85 -31.17
CA ARG A 319 -6.48 -27.35 -30.14
C ARG A 319 -5.90 -28.59 -29.49
N ALA A 320 -6.36 -28.86 -28.29
CA ALA A 320 -5.96 -30.05 -27.57
C ALA A 320 -7.15 -30.52 -26.77
N GLU A 321 -7.29 -31.83 -26.63
CA GLU A 321 -8.20 -32.36 -25.63
C GLU A 321 -7.67 -33.68 -25.09
N GLU A 322 -8.20 -34.08 -23.95
CA GLU A 322 -7.82 -35.34 -23.34
C GLU A 322 -8.90 -35.84 -22.41
N ASP A 323 -9.28 -37.10 -22.58
CA ASP A 323 -10.25 -37.77 -21.70
C ASP A 323 -9.59 -38.42 -20.49
N LEU A 324 -10.23 -38.31 -19.32
CA LEU A 324 -9.75 -39.02 -18.14
C LEU A 324 -10.90 -39.70 -17.40
N PRO A 325 -10.66 -40.93 -16.91
CA PRO A 325 -11.68 -41.54 -16.03
C PRO A 325 -11.78 -40.68 -14.77
N VAL A 326 -13.01 -40.40 -14.37
CA VAL A 326 -13.28 -39.62 -13.17
C VAL A 326 -14.45 -40.25 -12.40
N ASP A 327 -14.41 -40.14 -11.08
CA ASP A 327 -15.55 -40.52 -10.23
C ASP A 327 -16.46 -39.30 -10.11
N PHE A 328 -17.55 -39.28 -10.86
CA PHE A 328 -18.39 -38.09 -10.96
C PHE A 328 -19.84 -38.36 -10.52
N ALA A 329 -20.43 -37.42 -9.78
CA ALA A 329 -21.85 -37.52 -9.41
C ALA A 329 -22.52 -36.14 -9.53
N GLY A 330 -23.77 -36.13 -9.96
CA GLY A 330 -24.45 -34.89 -10.34
C GLY A 330 -24.70 -34.81 -11.83
N GLU A 331 -25.32 -33.72 -12.26
CA GLU A 331 -25.62 -33.53 -13.68
C GLU A 331 -24.36 -33.11 -14.43
N PRO A 332 -24.29 -33.43 -15.72
CA PRO A 332 -23.13 -33.03 -16.53
C PRO A 332 -22.82 -31.55 -16.33
N LEU A 333 -21.53 -31.21 -16.32
CA LEU A 333 -21.11 -29.84 -16.08
C LEU A 333 -19.85 -29.48 -16.85
N THR A 334 -19.90 -28.34 -17.52
CA THR A 334 -18.73 -27.82 -18.20
C THR A 334 -18.31 -26.51 -17.54
N ILE A 335 -17.11 -26.50 -16.99
CA ILE A 335 -16.62 -25.36 -16.26
C ILE A 335 -15.16 -25.08 -16.67
N ALA A 336 -14.75 -23.81 -16.62
CA ALA A 336 -13.42 -23.44 -17.09
C ALA A 336 -12.58 -22.78 -16.01
N PHE A 337 -11.27 -23.00 -16.05
CA PHE A 337 -10.36 -22.36 -15.12
C PHE A 337 -9.10 -21.85 -15.76
N ASN A 338 -8.48 -20.93 -15.04
CA ASN A 338 -7.10 -20.55 -15.26
C ASN A 338 -6.28 -21.78 -14.89
N PRO A 339 -5.55 -22.36 -15.86
CA PRO A 339 -4.84 -23.65 -15.68
C PRO A 339 -3.75 -23.60 -14.60
N THR A 340 -3.07 -22.46 -14.51
CA THR A 340 -2.06 -22.22 -13.47
C THR A 340 -2.67 -22.14 -12.06
N TYR A 341 -3.80 -21.45 -11.92
CA TYR A 341 -4.49 -21.41 -10.63
C TYR A 341 -4.96 -22.80 -10.25
N LEU A 342 -5.32 -23.59 -11.26
CA LEU A 342 -5.82 -24.94 -11.02
C LEU A 342 -4.68 -25.86 -10.57
N THR A 343 -3.54 -25.82 -11.26
CA THR A 343 -2.45 -26.69 -10.85
C THR A 343 -1.80 -26.19 -9.56
N ASP A 344 -1.88 -24.88 -9.28
CA ASP A 344 -1.43 -24.35 -8.00
C ASP A 344 -2.21 -25.03 -6.89
N GLY A 345 -3.53 -25.10 -7.04
CA GLY A 345 -4.39 -25.71 -6.04
C GLY A 345 -4.12 -27.21 -5.91
N LEU A 346 -4.05 -27.90 -7.04
CA LEU A 346 -3.81 -29.34 -7.06
C LEU A 346 -2.52 -29.65 -6.37
N GLY A 347 -1.48 -28.85 -6.65
CA GLY A 347 -0.15 -29.11 -6.13
C GLY A 347 -0.02 -28.74 -4.65
N SER A 348 -1.03 -28.09 -4.10
CA SER A 348 -0.96 -27.72 -2.70
C SER A 348 -1.79 -28.70 -1.81
N LEU A 349 -2.49 -29.65 -2.43
CA LEU A 349 -3.33 -30.59 -1.70
C LEU A 349 -2.55 -31.66 -0.91
N HIS A 350 -1.45 -32.13 -1.49
CA HIS A 350 -0.58 -33.14 -0.84
C HIS A 350 -1.26 -34.46 -0.56
N SER A 351 -2.25 -34.80 -1.39
CA SER A 351 -2.98 -36.05 -1.26
C SER A 351 -2.94 -36.76 -2.60
N GLU A 352 -3.25 -38.06 -2.59
CA GLU A 352 -3.18 -38.84 -3.81
C GLU A 352 -4.31 -38.43 -4.74
N ARG A 353 -5.45 -38.10 -4.16
CA ARG A 353 -6.62 -37.77 -4.95
C ARG A 353 -7.26 -36.50 -4.49
N VAL A 354 -7.94 -35.85 -5.42
CA VAL A 354 -8.66 -34.60 -5.17
C VAL A 354 -10.17 -34.82 -5.32
N THR A 355 -10.95 -34.16 -4.47
CA THR A 355 -12.39 -34.10 -4.69
C THR A 355 -12.76 -32.65 -5.00
N PHE A 356 -13.36 -32.44 -6.16
CA PHE A 356 -13.94 -31.15 -6.53
C PHE A 356 -15.39 -31.05 -6.06
N GLY A 357 -15.77 -29.89 -5.52
CA GLY A 357 -17.16 -29.59 -5.26
C GLY A 357 -17.66 -28.42 -6.11
N PHE A 358 -18.62 -28.69 -6.97
CA PHE A 358 -19.12 -27.64 -7.87
C PHE A 358 -20.54 -27.16 -7.56
N THR A 359 -20.88 -25.95 -8.00
CA THR A 359 -22.27 -25.62 -8.27
C THR A 359 -22.44 -25.26 -9.76
N THR A 360 -22.48 -23.98 -10.11
CA THR A 360 -22.67 -23.59 -11.50
C THR A 360 -21.30 -23.35 -12.17
N PRO A 361 -21.26 -23.23 -13.52
CA PRO A 361 -20.00 -22.90 -14.19
C PRO A 361 -19.43 -21.53 -13.81
N SER A 362 -20.21 -20.67 -13.17
CA SER A 362 -19.69 -19.34 -12.87
C SER A 362 -19.65 -19.07 -11.37
N ARG A 363 -19.54 -20.12 -10.57
CA ARG A 363 -19.42 -19.96 -9.13
C ARG A 363 -18.22 -20.76 -8.66
N PRO A 364 -17.69 -20.41 -7.47
CA PRO A 364 -16.44 -21.02 -7.00
C PRO A 364 -16.46 -22.56 -6.95
N ALA A 365 -15.31 -23.17 -7.15
CA ALA A 365 -15.18 -24.62 -7.06
C ALA A 365 -14.29 -24.96 -5.86
N VAL A 366 -14.71 -25.93 -5.07
CA VAL A 366 -13.92 -26.40 -3.94
C VAL A 366 -12.97 -27.52 -4.38
N LEU A 367 -11.70 -27.38 -4.01
CA LEU A 367 -10.75 -28.48 -4.17
C LEU A 367 -10.33 -28.90 -2.78
N ARG A 368 -10.50 -30.18 -2.48
N ARG A 368 -10.41 -30.19 -2.50
CA ARG A 368 -10.13 -30.74 -1.17
CA ARG A 368 -10.02 -30.69 -1.19
C ARG A 368 -9.37 -32.06 -1.37
C ARG A 368 -9.38 -32.05 -1.35
N PRO A 369 -8.50 -32.44 -0.41
CA PRO A 369 -7.96 -33.80 -0.44
C PRO A 369 -9.12 -34.81 -0.43
N ALA A 370 -9.05 -35.85 -1.25
CA ALA A 370 -10.09 -36.86 -1.16
C ALA A 370 -9.82 -37.70 0.07
N GLY A 371 -10.90 -38.10 0.74
CA GLY A 371 -10.81 -39.13 1.76
C GLY A 371 -10.95 -40.51 1.13
N GLU A 372 -11.01 -41.56 1.94
CA GLU A 372 -11.15 -42.89 1.36
C GLU A 372 -12.62 -43.22 1.05
N ASP A 373 -13.54 -42.43 1.60
CA ASP A 373 -14.95 -42.60 1.28
C ASP A 373 -15.29 -42.03 -0.12
N ASP A 374 -14.63 -40.95 -0.50
CA ASP A 374 -14.85 -40.25 -1.77
C ASP A 374 -14.76 -41.15 -3.02
N GLY A 375 -15.60 -40.84 -4.02
CA GLY A 375 -15.68 -41.57 -5.27
C GLY A 375 -17.09 -41.68 -5.84
N ALA A 376 -18.06 -41.95 -4.96
CA ALA A 376 -19.45 -42.10 -5.40
C ALA A 376 -20.37 -41.98 -4.21
N GLY A 378 -23.12 -43.40 -4.73
CA GLY A 378 -23.49 -42.84 -6.02
C GLY A 378 -24.19 -41.48 -5.89
N GLY A 379 -25.50 -41.47 -6.18
CA GLY A 379 -26.41 -40.37 -5.86
C GLY A 379 -26.54 -39.18 -6.81
N SER A 380 -27.73 -38.57 -6.79
CA SER A 380 -27.98 -37.31 -7.52
C SER A 380 -27.70 -36.06 -6.66
N GLY A 381 -27.55 -36.23 -5.37
CA GLY A 381 -27.29 -35.09 -4.51
C GLY A 381 -28.50 -34.18 -4.34
N PRO A 382 -28.28 -32.92 -3.91
CA PRO A 382 -27.05 -32.20 -3.52
C PRO A 382 -26.16 -32.91 -2.51
N PHE A 383 -24.88 -32.55 -2.52
CA PHE A 383 -23.89 -33.20 -1.69
C PHE A 383 -23.35 -32.27 -0.61
N PRO A 384 -23.53 -32.64 0.66
CA PRO A 384 -22.97 -31.83 1.75
C PRO A 384 -21.47 -31.67 1.63
N ALA A 385 -20.93 -30.52 2.04
CA ALA A 385 -19.51 -30.28 1.88
C ALA A 385 -18.79 -31.15 2.88
N ALA A 386 -17.59 -31.60 2.53
CA ALA A 386 -16.81 -32.39 3.48
C ALA A 386 -16.09 -31.48 4.46
N LYS A 387 -15.88 -32.00 5.65
CA LYS A 387 -15.01 -31.36 6.61
C LYS A 387 -13.58 -31.79 6.31
N THR A 388 -12.72 -30.85 5.97
CA THR A 388 -11.33 -31.19 5.79
C THR A 388 -10.50 -30.13 6.47
N ASP A 389 -9.27 -30.48 6.81
CA ASP A 389 -8.37 -29.52 7.40
C ASP A 389 -7.85 -28.53 6.35
N TYR A 390 -7.94 -28.88 5.07
CA TYR A 390 -7.48 -28.00 4.00
C TYR A 390 -8.50 -27.82 2.90
N VAL A 391 -8.65 -26.59 2.43
CA VAL A 391 -9.48 -26.37 1.26
C VAL A 391 -8.84 -25.28 0.37
N TYR A 392 -8.97 -25.47 -0.95
CA TYR A 392 -8.52 -24.49 -1.92
C TYR A 392 -9.71 -24.12 -2.80
N LEU A 393 -10.16 -22.88 -2.70
CA LEU A 393 -11.38 -22.46 -3.36
C LEU A 393 -11.00 -21.63 -4.57
N LEU A 394 -11.44 -22.06 -5.74
CA LEU A 394 -11.02 -21.48 -7.00
C LEU A 394 -12.19 -20.91 -7.81
N MET A 395 -12.09 -19.63 -8.17
CA MET A 395 -13.08 -19.00 -9.03
C MET A 395 -12.89 -19.47 -10.48
N PRO A 396 -13.97 -19.91 -11.15
CA PRO A 396 -13.89 -20.25 -12.58
C PRO A 396 -13.69 -19.02 -13.47
N VAL A 397 -13.31 -19.21 -14.73
CA VAL A 397 -13.48 -18.15 -15.72
C VAL A 397 -14.67 -18.47 -16.62
N ARG A 398 -15.24 -17.45 -17.25
CA ARG A 398 -16.38 -17.65 -18.13
C ARG A 398 -15.98 -18.27 -19.46
N LEU A 399 -16.68 -19.33 -19.85
CA LEU A 399 -16.54 -19.89 -21.18
C LEU A 399 -16.98 -18.88 -22.23
N PRO A 400 -16.38 -18.94 -23.43
CA PRO A 400 -16.80 -18.03 -24.49
C PRO A 400 -18.03 -18.54 -25.24
N THR B 13 35.13 22.39 -6.84
CA THR B 13 35.17 23.84 -6.63
C THR B 13 34.19 24.27 -5.54
N ASP B 14 34.59 25.24 -4.72
CA ASP B 14 33.80 25.66 -3.56
C ASP B 14 32.79 26.73 -3.90
N LEU B 15 31.53 26.45 -3.61
CA LEU B 15 30.43 27.36 -3.88
C LEU B 15 30.48 28.64 -3.04
N LYS B 16 30.19 29.77 -3.65
CA LYS B 16 30.17 31.05 -2.92
C LYS B 16 29.25 32.04 -3.62
N PHE B 17 28.29 32.56 -2.89
CA PHE B 17 27.34 33.46 -3.52
C PHE B 17 26.71 34.42 -2.54
N ARG B 18 26.09 35.43 -3.11
CA ARG B 18 25.31 36.39 -2.37
C ARG B 18 23.90 36.34 -2.96
N VAL B 19 22.89 36.46 -2.11
CA VAL B 19 21.51 36.36 -2.56
C VAL B 19 20.63 37.30 -1.73
N VAL B 20 19.55 37.79 -2.33
CA VAL B 20 18.56 38.56 -1.57
C VAL B 20 17.84 37.62 -0.60
N ARG B 21 17.67 38.08 0.65
CA ARG B 21 17.17 37.26 1.75
C ARG B 21 15.78 36.68 1.46
N GLU B 22 14.86 37.53 1.05
CA GLU B 22 13.50 37.10 0.73
C GLU B 22 13.44 36.05 -0.40
N ASP B 23 14.25 36.24 -1.43
CA ASP B 23 14.29 35.29 -2.55
C ASP B 23 14.78 33.93 -2.05
N PHE B 24 15.83 33.99 -1.25
CA PHE B 24 16.44 32.78 -0.72
C PHE B 24 15.50 32.05 0.24
N ALA B 25 14.91 32.80 1.18
CA ALA B 25 14.10 32.21 2.22
C ALA B 25 12.82 31.63 1.64
N ASP B 26 12.17 32.35 0.73
CA ASP B 26 11.00 31.81 0.02
C ASP B 26 11.32 30.47 -0.68
N ALA B 27 12.39 30.47 -1.46
CA ALA B 27 12.71 29.28 -2.24
C ALA B 27 13.04 28.08 -1.38
N VAL B 28 13.87 28.30 -0.38
CA VAL B 28 14.18 27.25 0.59
C VAL B 28 12.92 26.75 1.30
N ALA B 29 12.02 27.65 1.65
CA ALA B 29 10.79 27.25 2.31
C ALA B 29 9.98 26.36 1.38
N TRP B 30 9.89 26.78 0.12
CA TRP B 30 9.11 26.06 -0.87
C TRP B 30 9.65 24.64 -1.03
N VAL B 31 10.96 24.52 -1.20
CA VAL B 31 11.56 23.19 -1.34
C VAL B 31 11.32 22.36 -0.07
N ALA B 32 11.57 22.95 1.08
CA ALA B 32 11.50 22.22 2.35
C ALA B 32 10.09 21.70 2.70
N ARG B 33 9.08 22.21 2.00
CA ARG B 33 7.71 21.71 2.11
C ARG B 33 7.65 20.22 1.80
N SER B 34 8.11 19.86 0.60
CA SER B 34 8.04 18.50 0.12
C SER B 34 9.22 17.65 0.60
N LEU B 35 9.93 18.14 1.61
CA LEU B 35 11.03 17.42 2.25
C LEU B 35 10.49 16.41 3.27
N PRO B 36 11.09 15.21 3.34
CA PRO B 36 10.62 14.14 4.23
C PRO B 36 10.87 14.37 5.71
N THR B 37 9.99 13.80 6.53
CA THR B 37 10.03 13.90 7.98
C THR B 37 11.33 13.38 8.61
N ARG B 38 11.84 12.27 8.07
CA ARG B 38 13.11 11.69 8.50
C ARG B 38 13.57 10.62 7.51
N ILE B 41 16.67 7.31 5.41
CA ILE B 41 18.01 7.81 5.13
C ILE B 41 18.08 9.30 5.40
N PRO B 42 19.00 9.73 6.29
CA PRO B 42 19.07 11.11 6.81
C PRO B 42 19.55 12.16 5.80
N VAL B 43 20.18 11.71 4.71
CA VAL B 43 20.68 12.61 3.68
C VAL B 43 19.51 13.20 2.87
N LEU B 44 18.39 12.48 2.87
CA LEU B 44 17.20 12.86 2.09
C LEU B 44 16.51 14.11 2.61
N ALA B 45 16.79 14.48 3.84
CA ALA B 45 16.23 15.71 4.38
C ALA B 45 17.24 16.84 4.15
N GLY B 46 18.21 16.59 3.28
CA GLY B 46 19.14 17.64 2.91
C GLY B 46 18.58 18.50 1.79
N VAL B 47 19.03 19.75 1.73
CA VAL B 47 18.68 20.64 0.62
C VAL B 47 19.95 20.92 -0.19
N LEU B 48 19.84 20.81 -1.51
CA LEU B 48 20.97 20.95 -2.41
C LEU B 48 21.03 22.37 -2.99
N LEU B 49 22.17 23.03 -2.76
CA LEU B 49 22.41 24.35 -3.32
C LEU B 49 23.44 24.22 -4.42
N THR B 50 23.08 24.65 -5.63
CA THR B 50 24.02 24.63 -6.76
C THR B 50 24.08 26.01 -7.37
N GLY B 51 25.29 26.57 -7.44
CA GLY B 51 25.49 27.85 -8.10
C GLY B 51 26.01 27.61 -9.51
N THR B 52 25.32 28.17 -10.49
CA THR B 52 25.65 27.97 -11.90
C THR B 52 26.08 29.27 -12.56
N ASP B 53 26.19 29.23 -13.89
N ASP B 53 26.20 29.27 -13.88
CA ASP B 53 26.49 30.41 -14.69
CA ASP B 53 26.53 30.50 -14.59
C ASP B 53 25.28 31.34 -14.75
C ASP B 53 25.26 31.33 -14.81
N GLU B 54 24.11 30.79 -14.39
CA GLU B 54 22.83 31.51 -14.47
C GLU B 54 22.26 31.95 -13.12
N GLY B 55 22.73 31.34 -12.04
CA GLY B 55 22.21 31.67 -10.74
C GLY B 55 22.31 30.53 -9.75
N LEU B 56 21.38 30.53 -8.79
CA LEU B 56 21.28 29.50 -7.77
C LEU B 56 20.09 28.54 -8.00
N THR B 57 20.39 27.24 -7.99
CA THR B 57 19.35 26.21 -7.99
C THR B 57 19.21 25.63 -6.58
N ILE B 58 17.99 25.56 -6.07
CA ILE B 58 17.76 24.96 -4.77
C ILE B 58 16.85 23.74 -4.92
N SER B 59 17.32 22.57 -4.50
CA SER B 59 16.51 21.39 -4.74
C SER B 59 16.39 20.45 -3.53
N GLY B 60 15.38 19.57 -3.61
CA GLY B 60 15.17 18.53 -2.61
C GLY B 60 14.49 17.36 -3.28
N PHE B 61 14.77 16.15 -2.78
CA PHE B 61 14.26 14.93 -3.40
C PHE B 61 14.19 13.85 -2.33
N ASP B 62 13.20 12.97 -2.42
CA ASP B 62 13.16 11.90 -1.45
C ASP B 62 12.71 10.57 -2.06
N TYR B 63 12.86 10.46 -3.37
CA TYR B 63 12.49 9.31 -4.22
C TYR B 63 11.02 9.34 -4.61
N GLU B 64 10.18 9.96 -3.78
CA GLU B 64 8.76 10.08 -4.09
C GLU B 64 8.46 11.42 -4.72
N VAL B 65 8.97 12.47 -4.11
CA VAL B 65 8.65 13.80 -4.57
C VAL B 65 9.91 14.62 -4.70
N SER B 66 10.00 15.40 -5.76
CA SER B 66 11.16 16.26 -5.92
C SER B 66 10.72 17.70 -6.18
N ALA B 67 11.49 18.64 -5.68
CA ALA B 67 11.24 20.04 -5.91
C ALA B 67 12.55 20.77 -6.20
N GLU B 68 12.55 21.56 -7.27
CA GLU B 68 13.71 22.34 -7.68
C GLU B 68 13.27 23.76 -8.02
N VAL B 69 13.91 24.74 -7.39
CA VAL B 69 13.59 26.13 -7.73
C VAL B 69 14.86 26.91 -8.12
N LYS B 70 14.74 27.72 -9.16
CA LYS B 70 15.86 28.58 -9.59
C LYS B 70 15.62 30.01 -9.12
N VAL B 71 16.64 30.57 -8.49
CA VAL B 71 16.55 31.92 -7.94
C VAL B 71 17.72 32.77 -8.48
N SER B 72 17.51 34.06 -8.70
CA SER B 72 18.65 34.98 -8.98
C SER B 72 19.65 35.03 -7.84
N ALA B 73 20.93 35.06 -8.18
CA ALA B 73 21.95 35.17 -7.13
C ALA B 73 23.26 35.65 -7.73
N GLU B 74 24.14 36.16 -6.89
CA GLU B 74 25.43 36.55 -7.45
C GLU B 74 26.44 35.45 -7.14
N ILE B 75 26.72 34.64 -8.16
CA ILE B 75 27.65 33.53 -7.98
C ILE B 75 29.10 33.99 -8.16
N ALA B 76 29.82 34.10 -7.03
CA ALA B 76 31.24 34.42 -7.07
C ALA B 76 32.03 33.18 -7.39
N SER B 77 31.50 32.04 -6.99
CA SER B 77 32.19 30.79 -7.22
C SER B 77 31.18 29.67 -7.34
N ALA B 78 31.17 29.05 -8.51
CA ALA B 78 30.23 28.00 -8.86
C ALA B 78 30.49 26.76 -8.02
N GLY B 79 29.47 25.93 -7.89
CA GLY B 79 29.63 24.68 -7.17
C GLY B 79 28.35 24.23 -6.51
N SER B 80 28.43 23.17 -5.73
CA SER B 80 27.23 22.72 -5.02
C SER B 80 27.55 22.20 -3.64
N VAL B 81 26.51 22.19 -2.79
CA VAL B 81 26.69 21.79 -1.41
C VAL B 81 25.35 21.29 -0.89
N LEU B 82 25.40 20.27 -0.04
CA LEU B 82 24.17 19.77 0.53
C LEU B 82 24.15 20.12 2.01
N VAL B 83 23.05 20.72 2.45
CA VAL B 83 22.95 21.19 3.84
C VAL B 83 21.59 20.75 4.43
N SER B 84 21.52 20.57 5.74
CA SER B 84 20.30 20.11 6.39
C SER B 84 19.13 21.05 6.08
N GLY B 85 18.04 20.49 5.57
CA GLY B 85 16.95 21.27 4.99
C GLY B 85 16.13 22.05 6.00
N ARG B 86 15.87 21.43 7.13
CA ARG B 86 15.08 22.06 8.19
C ARG B 86 15.84 23.20 8.82
N LEU B 87 17.08 22.92 9.22
CA LEU B 87 17.91 23.94 9.83
C LEU B 87 18.06 25.14 8.88
N LEU B 88 18.32 24.87 7.60
CA LEU B 88 18.51 25.97 6.66
C LEU B 88 17.23 26.80 6.55
N SER B 89 16.09 26.13 6.57
CA SER B 89 14.81 26.84 6.48
C SER B 89 14.59 27.72 7.70
N ASP B 90 14.77 27.14 8.90
CA ASP B 90 14.68 27.91 10.13
C ASP B 90 15.63 29.11 10.15
N ILE B 91 16.89 28.90 9.78
CA ILE B 91 17.83 30.00 9.75
C ILE B 91 17.37 31.11 8.81
N THR B 92 16.99 30.74 7.60
CA THR B 92 16.65 31.75 6.57
C THR B 92 15.39 32.55 6.94
N LYS B 93 14.42 31.93 7.59
CA LYS B 93 13.24 32.64 8.07
C LYS B 93 13.61 33.73 9.09
N ALA B 94 14.70 33.55 9.83
CA ALA B 94 14.98 34.47 10.93
C ALA B 94 16.10 35.46 10.65
N LEU B 95 16.62 35.47 9.42
CA LEU B 95 17.71 36.38 9.07
C LEU B 95 17.21 37.83 9.05
N PRO B 96 18.11 38.78 9.37
CA PRO B 96 17.76 40.21 9.28
C PRO B 96 17.64 40.71 7.83
N ALA B 97 17.28 41.99 7.70
CA ALA B 97 17.05 42.63 6.40
C ALA B 97 18.36 42.98 5.70
N LYS B 98 19.14 41.98 5.34
CA LYS B 98 20.44 42.19 4.76
C LYS B 98 20.70 41.13 3.71
N PRO B 99 21.62 41.41 2.79
CA PRO B 99 21.96 40.37 1.83
C PRO B 99 22.57 39.15 2.51
N VAL B 100 22.37 37.97 1.92
CA VAL B 100 22.86 36.75 2.49
C VAL B 100 24.05 36.28 1.70
N GLU B 101 25.09 35.87 2.42
CA GLU B 101 26.28 35.43 1.74
C GLU B 101 26.59 34.06 2.20
N VAL B 102 26.74 33.17 1.23
CA VAL B 102 26.97 31.79 1.53
C VAL B 102 28.27 31.39 0.93
N SER B 103 29.05 30.69 1.73
CA SER B 103 30.39 30.30 1.31
C SER B 103 30.76 28.93 1.85
N VAL B 104 31.14 28.02 0.97
CA VAL B 104 31.62 26.72 1.41
C VAL B 104 33.10 26.78 1.66
N GLU B 105 33.51 26.35 2.84
CA GLU B 105 34.91 26.32 3.21
C GLU B 105 35.18 24.99 3.87
N GLY B 106 35.62 24.02 3.07
CA GLY B 106 35.93 22.70 3.56
C GLY B 106 34.71 21.84 3.78
N THR B 107 34.52 21.43 5.02
CA THR B 107 33.39 20.62 5.44
C THR B 107 32.26 21.47 6.01
N ARG B 108 32.49 22.78 6.06
CA ARG B 108 31.50 23.68 6.62
C ARG B 108 30.91 24.57 5.55
N VAL B 109 29.68 25.00 5.81
CA VAL B 109 29.10 26.01 4.98
C VAL B 109 28.85 27.21 5.86
N SER B 110 29.26 28.36 5.38
CA SER B 110 29.16 29.55 6.18
C SER B 110 28.05 30.41 5.61
N LEU B 111 27.22 30.95 6.49
CA LEU B 111 26.11 31.79 6.05
C LEU B 111 26.14 33.06 6.87
N THR B 112 26.34 34.19 6.21
CA THR B 112 26.46 35.46 6.92
C THR B 112 25.38 36.39 6.43
N CYS B 113 24.83 37.16 7.36
CA CYS B 113 23.79 38.09 7.05
C CYS B 113 23.82 39.22 8.09
N GLY B 114 24.24 40.40 7.66
CA GLY B 114 24.50 41.48 8.61
C GLY B 114 25.52 41.03 9.64
N SER B 115 25.18 41.17 10.93
CA SER B 115 26.10 40.81 11.99
C SER B 115 25.98 39.33 12.41
N ALA B 116 25.04 38.60 11.81
CA ALA B 116 24.84 37.18 12.11
C ALA B 116 25.71 36.25 11.27
N ARG B 117 26.37 35.28 11.91
N ARG B 117 26.39 35.32 11.95
CA ARG B 117 27.21 34.30 11.22
CA ARG B 117 27.19 34.27 11.32
C ARG B 117 26.92 32.86 11.64
C ARG B 117 26.63 32.90 11.66
N PHE B 118 26.55 32.05 10.66
CA PHE B 118 26.20 30.65 10.91
C PHE B 118 27.22 29.74 10.26
N SER B 119 27.65 28.73 10.98
CA SER B 119 28.54 27.74 10.41
C SER B 119 27.89 26.36 10.52
N LEU B 120 27.50 25.80 9.38
CA LEU B 120 26.83 24.50 9.34
C LEU B 120 27.68 23.39 8.72
N PRO B 121 27.55 22.16 9.23
CA PRO B 121 28.24 21.02 8.61
C PRO B 121 27.68 20.68 7.22
N THR B 122 28.52 20.23 6.31
CA THR B 122 28.02 19.84 5.01
C THR B 122 27.62 18.37 5.05
N LEU B 123 26.49 18.04 4.43
CA LEU B 123 26.08 16.65 4.27
C LEU B 123 26.81 15.96 3.12
N ALA B 124 26.63 14.65 2.99
CA ALA B 124 27.37 13.87 1.99
C ALA B 124 26.57 13.71 0.71
N VAL B 125 27.24 13.94 -0.41
CA VAL B 125 26.61 13.88 -1.72
C VAL B 125 26.63 12.46 -2.32
N GLU B 126 27.64 11.68 -1.94
CA GLU B 126 27.91 10.37 -2.54
C GLU B 126 26.71 9.42 -2.53
N ASP B 127 25.72 9.72 -1.71
CA ASP B 127 24.48 8.95 -1.72
C ASP B 127 23.29 9.84 -2.04
N TYR B 128 23.55 11.11 -2.39
CA TYR B 128 22.45 12.01 -2.73
C TYR B 128 22.03 11.77 -4.19
N PRO B 129 20.78 11.38 -4.38
CA PRO B 129 20.24 11.01 -5.68
C PRO B 129 19.93 12.21 -6.57
N ALA B 130 20.27 12.09 -7.84
CA ALA B 130 19.95 13.10 -8.84
C ALA B 130 18.44 13.22 -9.00
N LEU B 131 17.95 14.44 -9.22
CA LEU B 131 16.52 14.66 -9.44
C LEU B 131 16.07 13.90 -10.68
N PRO B 132 14.82 13.41 -10.68
CA PRO B 132 14.34 12.79 -11.91
C PRO B 132 14.03 13.87 -12.94
N ALA B 133 14.17 13.54 -14.23
CA ALA B 133 13.76 14.44 -15.30
C ALA B 133 12.23 14.47 -15.34
N LEU B 134 11.65 15.65 -15.55
CA LEU B 134 10.21 15.76 -15.76
C LEU B 134 9.81 15.10 -17.07
N PRO B 135 8.63 14.45 -17.12
CA PRO B 135 8.12 13.94 -18.40
C PRO B 135 7.88 15.08 -19.38
N GLU B 136 7.54 14.78 -20.62
CA GLU B 136 7.20 15.82 -21.59
C GLU B 136 5.92 16.53 -21.18
N GLU B 137 5.75 17.77 -21.62
CA GLU B 137 4.59 18.57 -21.28
C GLU B 137 3.33 17.98 -21.89
N THR B 138 2.21 18.14 -21.19
CA THR B 138 0.95 17.60 -21.67
C THR B 138 -0.05 18.71 -21.87
N GLY B 139 -0.04 19.69 -20.99
CA GLY B 139 -1.03 20.75 -21.04
C GLY B 139 -0.76 21.83 -20.01
N VAL B 140 -1.55 22.90 -20.08
CA VAL B 140 -1.34 24.07 -19.25
C VAL B 140 -2.66 24.56 -18.69
N ILE B 141 -2.66 24.84 -17.39
CA ILE B 141 -3.85 25.35 -16.70
C ILE B 141 -3.50 26.65 -16.00
N ALA B 142 -4.42 27.59 -15.94
CA ALA B 142 -4.17 28.80 -15.17
C ALA B 142 -4.05 28.37 -13.71
N SER B 143 -3.18 29.03 -12.96
CA SER B 143 -2.82 28.52 -11.64
C SER B 143 -3.96 28.66 -10.63
N ASP B 144 -4.76 29.71 -10.75
CA ASP B 144 -5.85 29.92 -9.81
C ASP B 144 -6.97 28.86 -9.97
N LEU B 145 -7.19 28.44 -11.22
CA LEU B 145 -8.15 27.40 -11.53
C LEU B 145 -7.64 26.05 -11.03
N PHE B 146 -6.35 25.82 -11.24
CA PHE B 146 -5.71 24.58 -10.82
C PHE B 146 -5.75 24.43 -9.31
N ALA B 147 -5.52 25.52 -8.59
CA ALA B 147 -5.56 25.47 -7.14
C ALA B 147 -6.98 25.22 -6.62
N GLU B 148 -7.97 25.80 -7.29
CA GLU B 148 -9.36 25.68 -6.85
C GLU B 148 -9.87 24.27 -7.06
N ALA B 149 -9.69 23.76 -8.27
CA ALA B 149 -10.13 22.41 -8.61
C ALA B 149 -9.48 21.36 -7.70
N ILE B 150 -8.17 21.47 -7.53
CA ILE B 150 -7.46 20.47 -6.76
C ILE B 150 -7.91 20.58 -5.30
N GLY B 151 -8.05 21.80 -4.80
CA GLY B 151 -8.55 22.02 -3.45
C GLY B 151 -9.95 21.41 -3.26
N GLN B 152 -10.81 21.56 -4.27
CA GLN B 152 -12.17 21.02 -4.21
C GLN B 152 -12.20 19.49 -4.06
N VAL B 153 -11.55 18.76 -4.98
CA VAL B 153 -11.62 17.31 -4.94
C VAL B 153 -10.83 16.71 -3.78
N ALA B 154 -9.77 17.37 -3.36
CA ALA B 154 -8.88 16.78 -2.36
C ALA B 154 -9.59 16.55 -1.03
N VAL B 155 -10.64 17.31 -0.78
CA VAL B 155 -11.31 17.20 0.49
C VAL B 155 -11.95 15.79 0.64
N ALA B 156 -12.26 15.14 -0.48
CA ALA B 156 -12.93 13.83 -0.43
C ALA B 156 -11.95 12.65 -0.43
N ALA B 157 -10.66 12.92 -0.63
CA ALA B 157 -9.67 11.85 -0.75
C ALA B 157 -9.56 11.04 0.55
N GLY B 158 -9.32 9.74 0.43
CA GLY B 158 -9.02 8.96 1.62
C GLY B 158 -7.64 9.29 2.21
N ARG B 159 -7.50 9.09 3.52
CA ARG B 159 -6.26 9.40 4.22
C ARG B 159 -5.66 8.17 4.93
N ASP B 160 -5.98 6.98 4.43
CA ASP B 160 -5.55 5.72 5.05
C ASP B 160 -4.71 4.92 4.05
N ASP B 161 -3.41 4.83 4.31
CA ASP B 161 -2.49 4.16 3.40
C ASP B 161 -2.81 2.68 3.15
N THR B 162 -3.63 2.05 4.01
CA THR B 162 -3.97 0.65 3.80
C THR B 162 -5.03 0.47 2.69
N LEU B 163 -5.59 1.57 2.20
CA LEU B 163 -6.38 1.54 0.98
C LEU B 163 -5.85 2.58 0.03
N PRO B 164 -4.74 2.26 -0.65
CA PRO B 164 -3.94 3.24 -1.41
C PRO B 164 -4.72 3.84 -2.56
N MET B 165 -5.61 3.06 -3.18
CA MET B 165 -6.37 3.57 -4.31
C MET B 165 -7.13 4.83 -3.90
N LEU B 166 -7.64 4.86 -2.67
CA LEU B 166 -8.39 6.01 -2.19
C LEU B 166 -7.54 7.28 -1.88
N THR B 167 -6.22 7.15 -1.76
CA THR B 167 -5.42 8.29 -1.32
C THR B 167 -4.91 9.13 -2.48
N GLY B 168 -5.33 8.75 -3.69
CA GLY B 168 -4.97 9.49 -4.88
C GLY B 168 -6.05 10.43 -5.38
N ILE B 169 -5.65 11.36 -6.24
CA ILE B 169 -6.62 12.13 -7.02
C ILE B 169 -6.59 11.54 -8.42
N ARG B 170 -7.75 11.10 -8.90
CA ARG B 170 -7.87 10.54 -10.23
C ARG B 170 -7.85 11.67 -11.25
N VAL B 171 -6.95 11.56 -12.21
CA VAL B 171 -6.86 12.57 -13.25
C VAL B 171 -7.12 11.92 -14.59
N GLU B 172 -8.27 12.25 -15.21
CA GLU B 172 -8.61 11.72 -16.51
C GLU B 172 -8.52 12.80 -17.55
N ILE B 173 -7.83 12.49 -18.64
CA ILE B 173 -7.61 13.46 -19.71
C ILE B 173 -8.26 13.03 -21.00
N SER B 174 -9.09 13.91 -21.55
CA SER B 174 -9.67 13.69 -22.86
C SER B 174 -9.50 14.95 -23.67
N GLY B 175 -8.42 15.00 -24.45
CA GLY B 175 -8.09 16.17 -25.25
C GLY B 175 -8.04 17.43 -24.41
N GLU B 176 -8.95 18.36 -24.68
CA GLU B 176 -9.02 19.62 -23.95
C GLU B 176 -9.72 19.51 -22.60
N SER B 177 -10.36 18.36 -22.33
CA SER B 177 -11.09 18.21 -21.07
C SER B 177 -10.29 17.46 -20.02
N VAL B 178 -10.34 17.94 -18.79
CA VAL B 178 -9.72 17.27 -17.65
C VAL B 178 -10.74 17.07 -16.53
N VAL B 179 -10.78 15.88 -15.98
CA VAL B 179 -11.69 15.57 -14.89
C VAL B 179 -10.91 15.11 -13.67
N LEU B 180 -11.14 15.75 -12.54
CA LEU B 180 -10.51 15.32 -11.29
C LEU B 180 -11.56 14.65 -10.40
N ALA B 181 -11.19 13.52 -9.78
CA ALA B 181 -12.08 12.84 -8.84
C ALA B 181 -11.31 12.29 -7.65
N ALA B 182 -11.99 12.21 -6.51
CA ALA B 182 -11.44 11.63 -5.29
C ALA B 182 -12.58 11.09 -4.42
N THR B 183 -12.29 10.07 -3.63
CA THR B 183 -13.30 9.52 -2.76
C THR B 183 -12.66 8.83 -1.60
N ASP B 184 -13.35 8.82 -0.48
CA ASP B 184 -12.93 8.00 0.65
C ASP B 184 -13.96 6.94 1.04
N ARG B 185 -14.93 6.67 0.15
CA ARG B 185 -16.06 5.70 0.29
C ARG B 185 -17.29 6.32 0.93
N PHE B 186 -17.16 7.54 1.43
CA PHE B 186 -18.27 8.21 2.10
C PHE B 186 -18.70 9.46 1.34
N ARG B 187 -17.72 10.11 0.71
CA ARG B 187 -18.02 11.16 -0.23
C ARG B 187 -17.16 11.01 -1.49
N LEU B 188 -17.67 11.56 -2.57
CA LEU B 188 -16.98 11.56 -3.87
C LEU B 188 -17.00 12.97 -4.41
N ALA B 189 -15.84 13.48 -4.82
CA ALA B 189 -15.77 14.83 -5.39
C ALA B 189 -15.33 14.73 -6.83
N VAL B 190 -16.02 15.43 -7.72
CA VAL B 190 -15.70 15.33 -9.13
C VAL B 190 -15.71 16.74 -9.67
N ARG B 191 -14.57 17.15 -10.22
CA ARG B 191 -14.41 18.47 -10.83
C ARG B 191 -13.95 18.37 -12.28
N GLU B 192 -14.72 18.95 -13.18
CA GLU B 192 -14.39 18.95 -14.59
C GLU B 192 -13.85 20.34 -14.94
N LEU B 193 -12.88 20.39 -15.85
CA LEU B 193 -12.34 21.67 -16.30
C LEU B 193 -11.75 21.58 -17.70
N THR B 194 -11.47 22.74 -18.27
CA THR B 194 -10.86 22.79 -19.58
C THR B 194 -9.41 23.26 -19.48
N TRP B 195 -8.48 22.58 -20.13
CA TRP B 195 -7.12 23.09 -20.25
C TRP B 195 -6.68 23.20 -21.71
N VAL B 196 -5.59 23.91 -21.94
CA VAL B 196 -5.00 24.00 -23.26
C VAL B 196 -3.87 22.95 -23.39
N THR B 197 -4.08 21.98 -24.26
CA THR B 197 -3.06 20.96 -24.50
C THR B 197 -1.87 21.59 -25.19
N THR B 198 -0.67 21.08 -24.91
CA THR B 198 0.52 21.61 -25.53
C THR B 198 1.00 20.67 -26.64
N ALA B 199 1.14 19.40 -26.30
CA ALA B 199 1.49 18.39 -27.31
C ALA B 199 0.25 17.96 -28.08
N GLY B 200 0.23 16.73 -28.57
CA GLY B 200 -0.90 16.22 -29.32
C GLY B 200 -2.14 16.00 -28.47
N ASP B 201 -3.27 15.72 -29.11
CA ASP B 201 -4.50 15.45 -28.37
C ASP B 201 -4.39 14.10 -27.66
N VAL B 202 -4.77 14.08 -26.39
CA VAL B 202 -4.40 13.01 -25.48
C VAL B 202 -5.61 12.39 -24.79
N GLU B 203 -5.56 11.08 -24.58
CA GLU B 203 -6.67 10.35 -23.95
C GLU B 203 -6.15 9.34 -22.93
N ALA B 204 -5.99 9.78 -21.67
CA ALA B 204 -5.44 8.90 -20.65
C ALA B 204 -5.93 9.26 -19.23
N ALA B 205 -5.62 8.38 -18.29
CA ALA B 205 -6.03 8.54 -16.91
C ALA B 205 -4.90 8.15 -15.98
N VAL B 206 -4.79 8.84 -14.86
CA VAL B 206 -3.66 8.66 -13.99
C VAL B 206 -4.13 8.88 -12.54
N LEU B 207 -3.39 8.35 -11.59
CA LEU B 207 -3.73 8.52 -10.18
C LEU B 207 -2.57 9.13 -9.40
N VAL B 208 -2.81 10.28 -8.77
CA VAL B 208 -1.75 11.07 -8.11
C VAL B 208 -2.01 11.19 -6.62
N PRO B 209 -0.98 10.95 -5.79
CA PRO B 209 -1.13 11.12 -4.34
C PRO B 209 -1.72 12.49 -4.00
N ALA B 210 -2.81 12.46 -3.24
CA ALA B 210 -3.67 13.60 -3.06
C ALA B 210 -3.05 14.63 -2.14
N LYS B 211 -2.42 14.16 -1.06
CA LYS B 211 -1.81 15.02 -0.08
C LYS B 211 -0.67 15.83 -0.71
N THR B 212 0.14 15.17 -1.54
CA THR B 212 1.19 15.85 -2.28
C THR B 212 0.63 16.89 -3.23
N LEU B 213 -0.31 16.45 -4.07
CA LEU B 213 -0.81 17.28 -5.14
C LEU B 213 -1.57 18.48 -4.59
N ALA B 214 -2.26 18.29 -3.46
CA ALA B 214 -3.02 19.38 -2.87
C ALA B 214 -2.07 20.41 -2.28
N GLU B 215 -0.96 19.93 -1.75
CA GLU B 215 0.05 20.80 -1.15
C GLU B 215 0.71 21.65 -2.25
N ALA B 216 1.14 21.02 -3.34
CA ALA B 216 1.72 21.76 -4.45
C ALA B 216 0.77 22.82 -4.97
N ALA B 217 -0.49 22.45 -5.22
CA ALA B 217 -1.48 23.42 -5.70
C ALA B 217 -1.73 24.56 -4.71
N LYS B 218 -1.73 24.23 -3.43
CA LYS B 218 -2.03 25.21 -2.39
C LYS B 218 -0.86 26.18 -2.17
N ALA B 219 0.35 25.73 -2.49
CA ALA B 219 1.55 26.57 -2.36
C ALA B 219 1.48 27.71 -3.34
N GLY B 220 1.04 27.40 -4.56
CA GLY B 220 0.83 28.42 -5.56
C GLY B 220 1.98 28.58 -6.54
N THR B 221 1.80 29.46 -7.51
CA THR B 221 2.71 29.56 -8.63
C THR B 221 3.12 31.00 -8.91
N ASN B 224 2.99 31.81 -13.39
CA ASN B 224 1.64 31.88 -12.85
C ASN B 224 0.61 31.16 -13.73
N GLN B 225 1.12 30.31 -14.62
CA GLN B 225 0.31 29.24 -15.16
C GLN B 225 1.04 27.97 -14.78
N VAL B 226 0.34 26.86 -14.74
CA VAL B 226 0.98 25.62 -14.33
C VAL B 226 1.02 24.65 -15.50
N HIS B 227 2.24 24.26 -15.84
CA HIS B 227 2.46 23.28 -16.88
C HIS B 227 2.51 21.89 -16.26
N LEU B 228 1.59 21.02 -16.68
CA LEU B 228 1.54 19.64 -16.20
C LEU B 228 2.27 18.72 -17.16
N ALA B 229 3.12 17.86 -16.65
CA ALA B 229 3.92 16.98 -17.51
C ALA B 229 3.65 15.52 -17.19
N LEU B 230 2.90 14.89 -18.09
CA LEU B 230 2.49 13.49 -17.95
C LEU B 230 2.96 12.68 -19.13
N GLY B 231 3.58 13.36 -20.09
CA GLY B 231 4.05 12.72 -21.29
C GLY B 231 3.09 12.99 -22.43
N SER B 232 3.36 12.34 -23.57
CA SER B 232 2.52 12.51 -24.74
C SER B 232 2.53 11.27 -25.64
N GLY B 233 1.73 11.30 -26.70
CA GLY B 233 1.54 10.15 -27.55
C GLY B 233 0.63 9.17 -26.86
N ALA B 234 1.00 7.90 -26.88
CA ALA B 234 0.30 6.87 -26.12
C ALA B 234 1.15 6.51 -24.90
N SER B 235 2.24 7.25 -24.73
CA SER B 235 3.21 6.99 -23.68
C SER B 235 2.93 7.81 -22.42
N VAL B 236 1.82 8.53 -22.42
CA VAL B 236 1.38 9.28 -21.25
C VAL B 236 1.35 8.41 -19.99
N GLY B 237 2.08 8.82 -18.97
CA GLY B 237 2.10 8.10 -17.70
C GLY B 237 3.18 7.03 -17.58
N LYS B 238 3.96 6.83 -18.63
CA LYS B 238 4.93 5.73 -18.67
C LYS B 238 6.14 5.98 -17.77
N ASP B 239 6.48 7.25 -17.54
CA ASP B 239 7.55 7.59 -16.61
C ASP B 239 7.11 7.35 -15.16
N GLY B 240 5.81 7.25 -14.96
CA GLY B 240 5.26 6.95 -13.65
C GLY B 240 5.39 8.17 -12.78
N LEU B 241 5.27 9.34 -13.40
CA LEU B 241 5.62 10.60 -12.74
C LEU B 241 4.67 11.73 -13.13
N LEU B 242 4.20 12.53 -12.17
CA LEU B 242 3.57 13.78 -12.57
C LEU B 242 4.57 14.92 -12.40
N GLY B 243 4.88 15.58 -13.50
CA GLY B 243 5.71 16.78 -13.46
C GLY B 243 4.83 18.02 -13.41
N ILE B 244 5.24 18.99 -12.58
CA ILE B 244 4.58 20.29 -12.52
C ILE B 244 5.63 21.39 -12.68
N ARG B 245 5.41 22.20 -13.71
CA ARG B 245 6.38 23.18 -14.13
C ARG B 245 5.76 24.57 -14.03
N SER B 246 6.52 25.48 -13.47
CA SER B 246 6.07 26.83 -13.25
C SER B 246 7.26 27.77 -13.48
N GLU B 247 6.99 29.07 -13.47
CA GLU B 247 8.06 30.03 -13.72
C GLU B 247 9.18 29.87 -12.69
N GLY B 248 10.28 29.25 -13.10
CA GLY B 248 11.42 29.06 -12.22
C GLY B 248 11.32 27.86 -11.28
N LYS B 249 10.22 27.10 -11.37
CA LYS B 249 9.98 25.95 -10.51
C LYS B 249 9.67 24.65 -11.26
N ARG B 250 10.25 23.55 -10.77
CA ARG B 250 10.04 22.24 -11.35
C ARG B 250 9.81 21.25 -10.19
N SER B 251 8.75 20.46 -10.26
CA SER B 251 8.57 19.43 -9.26
C SER B 251 8.05 18.15 -9.91
N THR B 252 8.40 17.00 -9.32
CA THR B 252 7.85 15.70 -9.73
C THR B 252 7.19 14.96 -8.56
N THR B 253 6.20 14.14 -8.91
CA THR B 253 5.47 13.29 -7.98
C THR B 253 5.26 11.89 -8.56
N ARG B 254 5.68 10.87 -7.82
CA ARG B 254 5.41 9.47 -8.19
C ARG B 254 3.91 9.21 -8.31
N LEU B 255 3.48 8.69 -9.45
CA LEU B 255 2.09 8.33 -9.64
C LEU B 255 1.73 7.10 -8.79
N LEU B 256 0.45 6.99 -8.44
CA LEU B 256 -0.06 5.81 -7.75
C LEU B 256 -0.47 4.75 -8.77
N ASP B 257 0.00 3.52 -8.56
CA ASP B 257 -0.24 2.44 -9.53
C ASP B 257 -1.50 1.63 -9.25
N ALA B 258 -2.50 2.27 -8.67
CA ALA B 258 -3.63 1.53 -8.13
C ALA B 258 -4.91 1.79 -8.92
N GLU B 259 -5.63 0.71 -9.24
CA GLU B 259 -6.91 0.84 -9.93
C GLU B 259 -7.87 1.69 -9.10
N PHE B 260 -8.48 2.67 -9.74
CA PHE B 260 -9.44 3.55 -9.10
C PHE B 260 -10.83 2.97 -9.32
N PRO B 261 -11.74 3.16 -8.35
CA PRO B 261 -13.09 2.59 -8.54
C PRO B 261 -13.90 3.37 -9.58
N LYS B 262 -14.88 2.71 -10.18
CA LYS B 262 -15.71 3.35 -11.21
C LYS B 262 -16.75 4.26 -10.58
N PHE B 263 -16.46 5.55 -10.55
CA PHE B 263 -17.26 6.49 -9.78
C PHE B 263 -18.42 7.06 -10.60
N ARG B 264 -18.27 7.11 -11.92
CA ARG B 264 -19.20 7.88 -12.75
C ARG B 264 -20.61 7.33 -12.68
N GLN B 265 -20.73 6.05 -12.40
CA GLN B 265 -22.04 5.40 -12.38
C GLN B 265 -22.83 5.85 -11.15
N LEU B 266 -22.15 6.46 -10.18
CA LEU B 266 -22.80 6.90 -8.94
C LEU B 266 -23.54 8.24 -9.10
N LEU B 267 -23.25 8.97 -10.18
CA LEU B 267 -23.89 10.25 -10.42
C LEU B 267 -25.29 10.04 -11.00
N PRO B 268 -26.32 10.36 -10.22
CA PRO B 268 -27.70 10.08 -10.64
C PRO B 268 -28.09 10.94 -11.84
N ALA B 269 -28.92 10.38 -12.70
CA ALA B 269 -29.39 11.06 -13.89
C ALA B 269 -30.55 11.96 -13.52
N GLU B 270 -31.24 11.62 -12.42
CA GLU B 270 -32.35 12.42 -11.92
C GLU B 270 -32.55 12.23 -10.42
N HIS B 271 -33.44 13.06 -9.87
CA HIS B 271 -33.71 13.12 -8.43
C HIS B 271 -35.22 13.14 -8.18
N THR B 272 -35.65 12.63 -7.03
CA THR B 272 -37.07 12.63 -6.70
C THR B 272 -37.40 13.84 -5.85
N ALA B 273 -36.37 14.45 -5.30
CA ALA B 273 -36.51 15.71 -4.59
C ALA B 273 -35.23 16.52 -4.77
N VAL B 274 -35.39 17.84 -4.90
CA VAL B 274 -34.24 18.77 -4.92
C VAL B 274 -34.49 19.91 -3.95
N ALA B 275 -33.41 20.48 -3.46
CA ALA B 275 -33.46 21.53 -2.47
C ALA B 275 -32.36 22.57 -2.72
N THR B 276 -32.72 23.83 -2.63
CA THR B 276 -31.80 24.93 -2.89
C THR B 276 -31.82 25.87 -1.70
N ILE B 277 -30.64 26.26 -1.23
CA ILE B 277 -30.53 27.10 -0.04
C ILE B 277 -29.15 27.76 0.00
N GLY B 278 -29.03 28.89 0.73
CA GLY B 278 -27.76 29.59 0.89
C GLY B 278 -26.71 28.77 1.64
N VAL B 279 -25.52 28.68 1.07
CA VAL B 279 -24.43 27.91 1.68
C VAL B 279 -24.08 28.38 3.09
N ALA B 280 -23.89 29.69 3.23
CA ALA B 280 -23.41 30.28 4.48
C ALA B 280 -24.39 30.05 5.62
N GLU B 281 -25.67 30.29 5.34
CA GLU B 281 -26.73 30.10 6.32
C GLU B 281 -26.85 28.63 6.73
N LEU B 282 -26.78 27.74 5.75
CA LEU B 282 -26.87 26.33 6.06
C LEU B 282 -25.67 25.92 6.92
N THR B 283 -24.48 26.33 6.52
CA THR B 283 -23.26 25.93 7.22
C THR B 283 -23.29 26.39 8.68
N GLU B 284 -23.65 27.65 8.91
CA GLU B 284 -23.74 28.18 10.27
C GLU B 284 -24.75 27.39 11.11
N ALA B 285 -25.88 27.06 10.52
CA ALA B 285 -26.94 26.39 11.25
C ALA B 285 -26.56 24.94 11.56
N ILE B 286 -25.88 24.29 10.63
CA ILE B 286 -25.35 22.95 10.87
C ILE B 286 -24.42 22.91 12.06
N LYS B 287 -23.42 23.79 12.05
CA LYS B 287 -22.43 23.82 13.11
C LYS B 287 -23.08 24.07 14.46
N ARG B 288 -24.10 24.91 14.47
CA ARG B 288 -24.78 25.27 15.71
C ARG B 288 -25.52 24.07 16.29
N VAL B 289 -26.31 23.40 15.45
CA VAL B 289 -27.11 22.25 15.90
C VAL B 289 -26.20 21.05 16.29
N ALA B 290 -25.08 20.89 15.59
CA ALA B 290 -24.20 19.73 15.79
C ALA B 290 -23.48 19.72 17.14
N LEU B 291 -23.44 20.87 17.81
CA LEU B 291 -22.87 20.98 19.15
C LEU B 291 -23.35 19.93 20.16
N VAL B 292 -24.56 19.43 19.98
CA VAL B 292 -25.11 18.44 20.89
C VAL B 292 -25.12 17.02 20.31
N ALA B 293 -24.64 16.87 19.08
CA ALA B 293 -24.59 15.55 18.46
C ALA B 293 -23.55 14.68 19.16
N ASP B 294 -23.95 13.48 19.57
CA ASP B 294 -23.04 12.57 20.25
C ASP B 294 -21.88 12.19 19.33
N ARG B 295 -20.66 12.37 19.83
CA ARG B 295 -19.41 12.17 19.07
C ARG B 295 -19.48 12.72 17.65
N GLY B 296 -20.23 13.81 17.48
CA GLY B 296 -20.43 14.44 16.18
C GLY B 296 -20.94 13.49 15.11
N ALA B 297 -21.68 12.46 15.53
CA ALA B 297 -22.06 11.34 14.66
C ALA B 297 -22.96 11.76 13.52
N GLN B 298 -24.09 12.41 13.82
CA GLN B 298 -25.05 12.73 12.77
C GLN B 298 -25.93 13.95 13.04
N ILE B 299 -26.30 14.62 11.96
CA ILE B 299 -27.29 15.67 12.02
C ILE B 299 -28.47 15.26 11.11
N ARG B 300 -29.69 15.47 11.60
CA ARG B 300 -30.92 15.07 10.89
C ARG B 300 -31.48 16.24 10.04
N MET B 301 -31.89 15.96 8.81
CA MET B 301 -32.46 16.99 7.94
C MET B 301 -33.86 16.63 7.48
N GLU B 302 -34.84 17.42 7.90
N GLU B 302 -34.85 17.43 7.87
CA GLU B 302 -36.21 17.19 7.50
CA GLU B 302 -36.23 17.18 7.52
C GLU B 302 -36.68 18.27 6.53
C GLU B 302 -36.76 18.24 6.56
N PHE B 303 -36.97 17.85 5.30
CA PHE B 303 -37.47 18.77 4.28
C PHE B 303 -38.96 18.61 4.14
N SER B 304 -39.66 19.75 4.04
CA SER B 304 -41.11 19.76 3.98
C SER B 304 -41.61 21.16 3.67
N ASP B 305 -42.45 21.28 2.64
CA ASP B 305 -43.01 22.56 2.22
C ASP B 305 -41.92 23.54 1.78
N ASP B 306 -41.74 24.61 2.55
CA ASP B 306 -40.69 25.56 2.26
C ASP B 306 -39.74 25.65 3.45
N THR B 307 -39.65 24.55 4.20
CA THR B 307 -38.90 24.54 5.45
C THR B 307 -37.95 23.36 5.60
N LEU B 308 -36.73 23.62 6.05
CA LEU B 308 -35.79 22.58 6.43
C LEU B 308 -35.56 22.58 7.93
N LYS B 309 -35.89 21.49 8.59
CA LYS B 309 -35.61 21.40 10.02
C LYS B 309 -34.41 20.51 10.29
N LEU B 310 -33.35 21.12 10.81
CA LEU B 310 -32.17 20.40 11.24
C LEU B 310 -32.39 19.92 12.66
N SER B 311 -31.90 18.73 13.00
CA SER B 311 -31.89 18.34 14.40
C SER B 311 -30.70 17.42 14.71
N ALA B 312 -30.30 17.43 15.98
CA ALA B 312 -29.22 16.60 16.51
C ALA B 312 -29.48 16.38 17.98
N GLY B 313 -28.74 15.47 18.59
CA GLY B 313 -28.88 15.28 20.02
C GLY B 313 -28.20 14.08 20.61
N ALA B 314 -28.41 13.91 21.92
CA ALA B 314 -27.93 12.76 22.66
C ALA B 314 -28.76 12.64 23.92
N ASP B 315 -28.80 11.44 24.50
CA ASP B 315 -29.64 11.18 25.66
C ASP B 315 -29.21 12.03 26.84
N ASP B 316 -27.91 12.03 27.12
CA ASP B 316 -27.39 12.65 28.32
C ASP B 316 -26.75 14.03 28.09
N VAL B 317 -26.76 14.52 26.85
CA VAL B 317 -26.13 15.80 26.59
C VAL B 317 -27.13 16.87 26.15
N GLY B 318 -28.22 16.48 25.49
CA GLY B 318 -29.24 17.45 25.10
C GLY B 318 -29.59 17.43 23.63
N ARG B 319 -30.63 18.19 23.28
CA ARG B 319 -31.15 18.21 21.92
C ARG B 319 -31.15 19.62 21.33
N ALA B 320 -31.09 19.69 20.01
CA ALA B 320 -31.15 20.95 19.29
C ALA B 320 -31.92 20.76 17.99
N GLU B 321 -32.64 21.81 17.59
CA GLU B 321 -33.30 21.82 16.30
C GLU B 321 -33.40 23.24 15.79
N GLU B 322 -33.29 23.42 14.48
CA GLU B 322 -33.33 24.76 13.89
C GLU B 322 -34.00 24.77 12.53
N ASP B 323 -34.84 25.78 12.29
CA ASP B 323 -35.58 25.89 11.04
C ASP B 323 -34.97 26.92 10.09
N LEU B 324 -34.95 26.58 8.80
CA LEU B 324 -34.43 27.44 7.75
C LEU B 324 -35.37 27.44 6.55
N PRO B 325 -35.65 28.62 5.99
CA PRO B 325 -36.50 28.53 4.80
C PRO B 325 -35.68 27.96 3.64
N VAL B 326 -36.33 27.17 2.78
CA VAL B 326 -35.62 26.51 1.69
C VAL B 326 -36.48 26.52 0.43
N ASP B 327 -35.84 26.46 -0.73
CA ASP B 327 -36.52 26.21 -2.01
C ASP B 327 -36.55 24.69 -2.23
N PHE B 328 -37.69 24.05 -1.95
CA PHE B 328 -37.75 22.58 -1.96
C PHE B 328 -38.86 22.06 -2.85
N ALA B 329 -38.51 21.15 -3.76
CA ALA B 329 -39.51 20.51 -4.60
C ALA B 329 -39.41 19.00 -4.43
N GLY B 330 -40.56 18.33 -4.41
CA GLY B 330 -40.60 16.89 -4.28
C GLY B 330 -41.35 16.47 -3.03
N GLU B 331 -41.35 15.18 -2.73
CA GLU B 331 -42.10 14.72 -1.58
C GLU B 331 -41.25 14.92 -0.34
N PRO B 332 -41.88 15.28 0.78
CA PRO B 332 -41.23 15.43 2.08
C PRO B 332 -40.21 14.31 2.32
N LEU B 333 -39.06 14.68 2.84
CA LEU B 333 -37.96 13.75 3.00
C LEU B 333 -37.20 14.03 4.29
N THR B 334 -36.84 12.96 5.02
CA THR B 334 -35.98 13.10 6.18
C THR B 334 -34.74 12.25 5.98
N ILE B 335 -33.57 12.91 5.99
CA ILE B 335 -32.31 12.27 5.66
C ILE B 335 -31.24 12.77 6.61
N ALA B 336 -30.31 11.88 6.99
CA ALA B 336 -29.29 12.24 7.99
C ALA B 336 -27.86 12.15 7.45
N PHE B 337 -26.96 12.95 8.02
CA PHE B 337 -25.58 13.02 7.52
C PHE B 337 -24.59 13.20 8.64
N ASN B 338 -23.36 12.78 8.37
CA ASN B 338 -22.20 13.18 9.15
C ASN B 338 -22.01 14.69 8.95
N PRO B 339 -22.13 15.51 10.02
CA PRO B 339 -22.10 16.99 9.97
C PRO B 339 -20.83 17.52 9.31
N THR B 340 -19.72 16.88 9.63
CA THR B 340 -18.43 17.29 9.11
C THR B 340 -18.30 16.98 7.62
N TYR B 341 -18.71 15.77 7.18
CA TYR B 341 -18.70 15.45 5.74
C TYR B 341 -19.55 16.46 4.98
N LEU B 342 -20.64 16.83 5.63
CA LEU B 342 -21.59 17.73 5.08
C LEU B 342 -21.02 19.16 4.92
N THR B 343 -20.38 19.71 5.95
CA THR B 343 -19.86 21.06 5.85
C THR B 343 -18.58 21.07 4.99
N ASP B 344 -17.85 19.95 4.99
CA ASP B 344 -16.71 19.78 4.09
C ASP B 344 -17.14 20.03 2.65
N GLY B 345 -18.26 19.42 2.31
CA GLY B 345 -18.83 19.52 0.98
C GLY B 345 -19.34 20.93 0.71
N LEU B 346 -20.16 21.46 1.63
CA LEU B 346 -20.67 22.82 1.48
C LEU B 346 -19.51 23.79 1.28
N GLY B 347 -18.46 23.62 2.08
CA GLY B 347 -17.32 24.52 2.06
C GLY B 347 -16.52 24.50 0.77
N SER B 348 -16.77 23.50 -0.08
CA SER B 348 -15.93 23.30 -1.25
C SER B 348 -16.69 23.63 -2.54
N LEU B 349 -17.90 24.17 -2.37
CA LEU B 349 -18.71 24.56 -3.51
C LEU B 349 -18.24 25.88 -4.12
N HIS B 350 -17.91 26.84 -3.25
CA HIS B 350 -17.50 28.20 -3.63
C HIS B 350 -18.57 28.92 -4.43
N SER B 351 -19.79 28.83 -3.95
CA SER B 351 -20.92 29.53 -4.57
C SER B 351 -21.81 29.98 -3.45
N GLU B 352 -22.74 30.86 -3.78
CA GLU B 352 -23.64 31.42 -2.78
C GLU B 352 -24.68 30.42 -2.34
N ARG B 353 -25.27 29.72 -3.30
CA ARG B 353 -26.33 28.76 -2.99
C ARG B 353 -25.88 27.34 -3.29
N VAL B 354 -26.53 26.36 -2.66
CA VAL B 354 -26.26 24.98 -2.97
C VAL B 354 -27.57 24.33 -3.38
N THR B 355 -27.50 23.38 -4.31
CA THR B 355 -28.66 22.57 -4.67
C THR B 355 -28.40 21.12 -4.29
N PHE B 356 -29.32 20.57 -3.52
CA PHE B 356 -29.25 19.17 -3.12
C PHE B 356 -30.11 18.35 -4.05
N GLY B 357 -29.59 17.24 -4.54
CA GLY B 357 -30.38 16.28 -5.27
C GLY B 357 -30.58 15.02 -4.45
N PHE B 358 -31.84 14.67 -4.16
CA PHE B 358 -32.12 13.47 -3.33
C PHE B 358 -32.86 12.37 -4.05
N THR B 359 -32.77 11.15 -3.49
CA THR B 359 -33.76 10.11 -3.78
C THR B 359 -34.33 9.65 -2.43
N THR B 360 -33.68 8.67 -1.80
CA THR B 360 -34.17 8.17 -0.53
C THR B 360 -33.20 8.48 0.61
N PRO B 361 -33.68 8.32 1.86
CA PRO B 361 -32.78 8.48 3.01
C PRO B 361 -31.59 7.50 3.04
N SER B 362 -31.57 6.48 2.20
CA SER B 362 -30.51 5.48 2.22
C SER B 362 -29.56 5.63 1.04
N ARG B 363 -29.80 6.60 0.17
CA ARG B 363 -29.01 6.74 -1.04
CA ARG B 363 -29.02 6.73 -1.05
C ARG B 363 -28.26 8.08 -1.10
N PRO B 364 -27.15 8.12 -1.86
CA PRO B 364 -26.28 9.31 -1.90
C PRO B 364 -27.03 10.61 -2.22
N ALA B 365 -26.63 11.70 -1.59
CA ALA B 365 -27.14 13.01 -1.92
C ALA B 365 -26.10 13.76 -2.78
N VAL B 366 -26.61 14.47 -3.79
CA VAL B 366 -25.78 15.27 -4.68
C VAL B 366 -25.76 16.73 -4.26
N LEU B 367 -24.58 17.26 -4.00
CA LEU B 367 -24.39 18.70 -3.77
C LEU B 367 -23.71 19.33 -4.98
N ARG B 368 -24.40 20.27 -5.62
CA ARG B 368 -23.83 21.06 -6.69
C ARG B 368 -23.97 22.56 -6.37
N PRO B 369 -23.01 23.37 -6.83
CA PRO B 369 -23.18 24.82 -6.67
C PRO B 369 -24.37 25.28 -7.48
N ALA B 370 -25.22 26.12 -6.90
CA ALA B 370 -26.30 26.75 -7.66
C ALA B 370 -25.92 28.17 -8.01
N GLY B 371 -26.60 28.71 -9.00
CA GLY B 371 -26.47 30.11 -9.32
C GLY B 371 -27.69 30.84 -8.83
N GLU B 372 -27.67 32.16 -8.96
CA GLU B 372 -28.85 32.98 -8.75
C GLU B 372 -29.97 32.50 -9.68
N ASP B 373 -31.19 32.36 -9.15
CA ASP B 373 -32.32 31.99 -9.99
C ASP B 373 -33.64 32.59 -9.52
N GLY B 378 -39.20 23.30 -9.79
CA GLY B 378 -40.65 23.37 -9.82
C GLY B 378 -41.31 22.05 -10.21
N GLY B 379 -42.61 21.92 -9.91
CA GLY B 379 -43.35 20.72 -10.24
C GLY B 379 -43.15 19.59 -9.24
N SER B 380 -43.52 18.37 -9.65
CA SER B 380 -43.53 17.20 -8.78
C SER B 380 -42.34 16.27 -8.99
N GLY B 381 -41.75 16.34 -10.16
CA GLY B 381 -40.59 15.52 -10.45
C GLY B 381 -41.00 14.22 -11.12
N PRO B 382 -40.03 13.33 -11.36
CA PRO B 382 -38.61 13.47 -11.01
C PRO B 382 -37.85 14.60 -11.75
N PHE B 383 -36.71 14.99 -11.20
CA PHE B 383 -35.96 16.16 -11.67
C PHE B 383 -34.62 15.74 -12.28
N PRO B 384 -34.40 16.11 -13.56
CA PRO B 384 -33.11 15.96 -14.25
C PRO B 384 -31.95 16.51 -13.44
N ALA B 385 -30.85 15.77 -13.42
CA ALA B 385 -29.63 16.24 -12.78
C ALA B 385 -29.14 17.50 -13.47
N ALA B 386 -28.73 18.49 -12.69
CA ALA B 386 -28.13 19.69 -13.27
C ALA B 386 -26.78 19.34 -13.87
N LYS B 387 -26.38 20.06 -14.92
CA LYS B 387 -25.02 19.96 -15.44
C LYS B 387 -24.13 20.99 -14.77
N THR B 388 -23.19 20.57 -13.94
CA THR B 388 -22.18 21.51 -13.41
C THR B 388 -20.77 20.95 -13.51
N ASP B 389 -19.78 21.85 -13.46
CA ASP B 389 -18.38 21.45 -13.50
C ASP B 389 -18.00 20.71 -12.24
N TYR B 390 -18.65 21.04 -11.12
CA TYR B 390 -18.33 20.46 -9.83
C TYR B 390 -19.49 19.76 -9.14
N VAL B 391 -19.21 18.60 -8.55
CA VAL B 391 -20.22 17.92 -7.76
C VAL B 391 -19.59 17.25 -6.53
N TYR B 392 -20.29 17.29 -5.40
CA TYR B 392 -19.89 16.54 -4.21
C TYR B 392 -21.03 15.60 -3.79
N LEU B 393 -20.76 14.30 -3.91
CA LEU B 393 -21.72 13.25 -3.66
C LEU B 393 -21.51 12.70 -2.24
N LEU B 394 -22.54 12.78 -1.41
CA LEU B 394 -22.39 12.43 0.01
C LEU B 394 -23.31 11.28 0.44
N MET B 395 -22.75 10.22 1.00
CA MET B 395 -23.58 9.14 1.52
C MET B 395 -24.28 9.53 2.84
N PRO B 396 -25.61 9.27 2.97
CA PRO B 396 -26.33 9.52 4.23
C PRO B 396 -25.92 8.53 5.33
N VAL B 397 -26.29 8.82 6.57
CA VAL B 397 -26.17 7.83 7.63
C VAL B 397 -27.56 7.30 7.99
N ARG B 398 -27.58 6.14 8.63
CA ARG B 398 -28.83 5.49 9.00
C ARG B 398 -29.46 6.18 10.22
N LEU B 399 -30.73 6.54 10.10
CA LEU B 399 -31.49 7.05 11.24
C LEU B 399 -31.79 5.90 12.23
N PRO B 400 -31.58 6.16 13.54
CA PRO B 400 -31.74 5.16 14.61
C PRO B 400 -33.20 4.75 14.87
N LEU C 5 -13.79 -14.22 -6.94
CA LEU C 5 -14.49 -14.71 -5.76
C LEU C 5 -15.41 -13.68 -5.15
N LEU C 7 -15.73 -12.16 -2.60
CA LEU C 7 -15.26 -11.60 -1.35
C LEU C 7 -15.97 -10.30 -1.03
N GLY C 11 -14.44 -8.86 -4.17
CA GLY C 11 -14.91 -9.48 -5.39
C GLY C 11 -13.80 -10.24 -6.08
N LEU D 5 -20.77 4.75 0.11
CA LEU D 5 -21.14 4.88 -1.30
C LEU D 5 -21.18 3.56 -2.03
N LEU D 7 -19.78 2.27 -4.32
CA LEU D 7 -18.67 2.13 -5.24
C LEU D 7 -18.49 0.68 -5.61
N GLY D 11 -17.79 -0.11 -1.77
CA GLY D 11 -18.82 0.04 -0.77
C GLY D 11 -18.63 1.32 0.04
#